data_6RRY
#
_entry.id   6RRY
#
_cell.length_a   89.473
_cell.length_b   90.366
_cell.length_c   132.772
_cell.angle_alpha   90.000
_cell.angle_beta   90.000
_cell.angle_gamma   90.000
#
_symmetry.space_group_name_H-M   'P 21 21 21'
#
loop_
_entity.id
_entity.type
_entity.pdbx_description
1 polymer 'Alpha-mannosidase 2'
2 non-polymer 1,2-ETHANEDIOL
3 non-polymer (2~{S},3~{R})-2-(hydroxymethyl)-1,2,3,6-tetrahydropyridin-3-ol
4 non-polymer 'SUCCINIC ACID'
5 non-polymer 'ZINC ION'
6 water water
#
_entity_poly.entity_id   1
_entity_poly.type   'polypeptide(L)'
_entity_poly.pdbx_seq_one_letter_code
;DDPIRPPLKVARSPRPGQCQDVVQDVPNVDVQMLELYDRMSFKDIDGGVWKQGWNIKYDPLKYNAHHKLKVFVVPHSHND
PGWIQTFEEYYQHDTKHILSNALRHLHDNPEMKFIWAEISYFARFYHDLGENKKLQMKSIVKNGQLEFVTGGWVMPDEAN
SHWRNVLLQLTEGQTWLKQFMNVTPTASWAIDPFGHSPTMPYILQKSGFKNMLIQRTHYSVKKELAQQRQLEFLWRQIWD
NKGDTALFTHMMPFYSYDIPHTCGPDPKVCCQFDFKRMGSFGLSCPWKVPPRTISDQNVAARSDLLVDQWKKKAELYRTN
VLLIPLGDDFRFKQNTEWDVQRVNYERLFEHINSQAHFNVQAQFGTLQEYFDAVHQAERAGQAEFPTLSGDFFTYADRSD
NYWSGYYTSRPYHKRMDRVLMHYVRAAEMLSAWHSWDGMARIEERLEQARRELSLFQHHDGITGTAKTHVVVDYEQRMQE
ALKACQMVMQQSVYRLLTKPSIYSPDFSFSYFTLDDSRWPGSGVEDSRTTIILGEDILPSKHVVMHNTLPHWREQLVDFY
VSSPFVSVTDLANNPVEAQVSPVWSWHHDTLTKTIHPQGSTTKYRIIFKARVPPMGLATYVLTISDSKPEHTSYASNLLL
RKNPTSLPLGQYPEDVKFGDPREISLRVGNGPTLAFSEQGLLKSIQLTQDSPHVPVHFKFLKYGVRSHGDRSGAYLFLPN
GPASPVELGQPVVLVTKGKLESSVSVGLPSVVHQTIMRGGAPEIRNLVDIGSLDNTEIVMRLETHIDSGDIFYTDLNGLQ
FIKRRRLDKLPLQANYYPIPSGMFIEDANTRLTLLTGQPLGGSSLASGELEIMQDRRLASDDERGLGQGVLDNKPVLHIY
RLVLEKVNNCVRPSELHPAGYLTSAAHKASQSLLDPLDKFIFAENEWIGAQGQFGGDHPSAREDLDVSVMRRLTKSSAKT
QRVGYVLHRTNLMQCGTPEEHTQKLDVCHLLPNVARCERTTLTFLQNLEHLDGMVAPEVCPMETAAYVSSHSS
;
_entity_poly.pdbx_strand_id   A
#
# COMPACT_ATOMS: atom_id res chain seq x y z
N CYS A 19 -4.87 16.53 22.99
CA CYS A 19 -4.99 16.11 21.56
C CYS A 19 -5.51 17.27 20.73
N GLN A 20 -4.65 17.78 19.85
CA GLN A 20 -4.99 18.61 18.67
C GLN A 20 -6.40 18.25 18.17
N ASP A 21 -7.24 19.25 17.93
CA ASP A 21 -8.46 19.07 17.08
C ASP A 21 -7.96 18.88 15.65
N VAL A 22 -8.60 17.96 14.90
CA VAL A 22 -8.20 17.69 13.49
C VAL A 22 -9.39 17.98 12.57
N VAL A 23 -10.42 18.69 13.07
CA VAL A 23 -11.71 18.88 12.34
C VAL A 23 -11.98 20.37 12.10
N GLN A 24 -11.90 21.20 13.14
CA GLN A 24 -12.38 22.62 13.12
C GLN A 24 -11.24 23.55 12.71
N ASP A 25 -10.05 23.35 13.29
CA ASP A 25 -8.83 24.12 12.98
C ASP A 25 -8.22 23.59 11.68
N VAL A 26 -8.03 24.47 10.70
CA VAL A 26 -7.24 24.21 9.47
C VAL A 26 -5.79 24.59 9.76
N PRO A 27 -4.78 23.74 9.42
CA PRO A 27 -3.39 24.16 9.60
C PRO A 27 -2.99 25.32 8.66
N ASN A 28 -1.98 26.07 9.11
CA ASN A 28 -1.36 27.19 8.35
C ASN A 28 -0.11 26.67 7.65
N VAL A 29 -0.16 26.50 6.34
CA VAL A 29 1.08 26.10 5.62
C VAL A 29 1.35 27.10 4.51
N ASP A 30 2.61 27.22 4.13
CA ASP A 30 3.06 28.07 3.01
C ASP A 30 2.49 27.50 1.71
N VAL A 31 2.59 26.18 1.54
CA VAL A 31 2.14 25.47 0.31
C VAL A 31 1.12 24.39 0.73
N GLN A 32 -0.11 24.53 0.25
CA GLN A 32 -1.20 23.53 0.40
C GLN A 32 -1.45 23.05 -1.02
N MET A 33 -1.15 21.78 -1.27
CA MET A 33 -1.08 21.27 -2.67
C MET A 33 -2.45 21.36 -3.37
N LEU A 34 -3.57 21.18 -2.70
CA LEU A 34 -4.91 21.32 -3.35
C LEU A 34 -5.12 22.78 -3.81
N GLU A 35 -4.79 23.75 -2.96
CA GLU A 35 -4.77 25.20 -3.33
C GLU A 35 -3.80 25.44 -4.50
N LEU A 36 -2.59 24.89 -4.43
CA LEU A 36 -1.59 25.16 -5.49
C LEU A 36 -2.15 24.68 -6.81
N TYR A 37 -2.76 23.49 -6.79
N TYR A 37 -2.77 23.49 -6.82
CA TYR A 37 -3.40 22.86 -7.98
CA TYR A 37 -3.37 22.90 -8.04
C TYR A 37 -4.46 23.81 -8.55
C TYR A 37 -4.49 23.81 -8.56
N ASP A 38 -5.27 24.44 -7.69
CA ASP A 38 -6.33 25.38 -8.12
C ASP A 38 -5.70 26.57 -8.89
N ARG A 39 -4.59 27.11 -8.40
CA ARG A 39 -3.89 28.28 -8.98
C ARG A 39 -3.05 27.96 -10.23
N MET A 40 -2.42 26.81 -10.31
CA MET A 40 -1.42 26.52 -11.37
C MET A 40 -2.15 26.39 -12.69
N SER A 41 -1.53 26.89 -13.77
CA SER A 41 -2.09 26.82 -15.15
C SER A 41 -1.72 25.47 -15.77
N PHE A 42 -0.63 24.85 -15.33
CA PHE A 42 -0.11 23.56 -15.85
C PHE A 42 0.26 23.70 -17.32
N LYS A 43 0.56 24.93 -17.75
CA LYS A 43 1.02 25.20 -19.13
C LYS A 43 2.29 24.38 -19.39
N ASP A 44 2.29 23.59 -20.45
CA ASP A 44 3.44 22.78 -20.91
C ASP A 44 4.27 23.60 -21.91
N ILE A 45 4.88 24.69 -21.44
CA ILE A 45 5.78 25.61 -22.22
C ILE A 45 7.13 24.94 -22.41
N ASP A 46 7.74 25.10 -23.59
CA ASP A 46 9.14 24.69 -23.86
C ASP A 46 10.07 25.73 -23.22
N GLY A 47 10.78 25.38 -22.15
CA GLY A 47 11.56 26.36 -21.35
C GLY A 47 13.00 26.46 -21.80
N GLY A 48 13.37 25.78 -22.89
CA GLY A 48 14.73 25.73 -23.45
C GLY A 48 15.45 24.44 -23.08
N VAL A 49 16.76 24.52 -22.79
CA VAL A 49 17.63 23.35 -22.49
C VAL A 49 17.03 22.61 -21.28
N TRP A 50 16.48 23.36 -20.32
CA TRP A 50 15.57 22.83 -19.27
C TRP A 50 14.13 22.87 -19.81
N LYS A 51 13.69 21.80 -20.50
CA LYS A 51 12.46 21.75 -21.33
C LYS A 51 11.24 22.13 -20.50
N GLN A 52 11.17 21.75 -19.21
CA GLN A 52 9.93 21.96 -18.42
C GLN A 52 10.16 23.05 -17.38
N GLY A 53 11.22 23.83 -17.56
CA GLY A 53 11.59 24.93 -16.64
C GLY A 53 11.84 26.24 -17.37
N TRP A 54 12.93 26.92 -17.05
CA TRP A 54 13.34 28.21 -17.67
C TRP A 54 14.87 28.28 -17.75
N ASN A 55 15.39 29.30 -18.42
CA ASN A 55 16.84 29.59 -18.48
C ASN A 55 17.21 30.23 -17.15
N ILE A 56 17.85 29.47 -16.27
CA ILE A 56 18.27 29.94 -14.92
C ILE A 56 19.41 30.96 -15.08
N LYS A 57 19.32 32.02 -14.29
CA LYS A 57 20.35 33.08 -14.19
C LYS A 57 20.85 33.09 -12.77
N TYR A 58 22.14 33.29 -12.57
CA TYR A 58 22.64 33.57 -11.21
C TYR A 58 23.58 34.77 -11.29
N ASP A 59 23.67 35.45 -10.15
CA ASP A 59 24.61 36.56 -9.89
C ASP A 59 25.94 35.92 -9.51
N PRO A 60 26.98 36.01 -10.37
CA PRO A 60 28.28 35.42 -10.09
C PRO A 60 28.94 36.01 -8.83
N LEU A 61 28.52 37.21 -8.42
CA LEU A 61 29.02 37.90 -7.21
C LEU A 61 28.35 37.32 -5.96
N LYS A 62 27.39 36.40 -6.14
CA LYS A 62 26.65 35.74 -5.03
C LYS A 62 27.66 34.96 -4.19
N TYR A 63 28.63 34.27 -4.80
N TYR A 63 28.66 34.40 -4.89
CA TYR A 63 29.58 33.41 -4.06
CA TYR A 63 29.75 33.53 -4.36
C TYR A 63 30.98 34.06 -4.15
C TYR A 63 31.00 34.37 -4.13
N ASN A 64 31.70 34.12 -3.02
CA ASN A 64 33.03 34.75 -2.79
C ASN A 64 33.81 33.88 -1.78
N ALA A 65 35.02 34.26 -1.35
CA ALA A 65 35.90 33.39 -0.50
C ALA A 65 35.29 33.22 0.90
N HIS A 66 34.46 34.18 1.35
CA HIS A 66 33.69 34.13 2.61
C HIS A 66 32.50 33.18 2.46
N HIS A 67 31.75 33.28 1.35
CA HIS A 67 30.48 32.55 1.07
C HIS A 67 30.64 31.68 -0.19
N LYS A 68 31.12 30.45 -0.02
CA LYS A 68 31.42 29.52 -1.12
C LYS A 68 30.21 28.59 -1.30
N LEU A 69 30.11 27.97 -2.46
CA LEU A 69 29.11 26.92 -2.75
C LEU A 69 29.76 25.61 -2.33
N LYS A 70 29.15 24.87 -1.40
CA LYS A 70 29.64 23.54 -0.96
C LYS A 70 28.88 22.47 -1.76
N VAL A 71 29.58 21.64 -2.55
CA VAL A 71 28.90 20.69 -3.48
C VAL A 71 29.21 19.27 -3.01
N PHE A 72 28.17 18.48 -2.81
CA PHE A 72 28.28 17.03 -2.46
C PHE A 72 27.80 16.20 -3.65
N VAL A 73 28.73 15.46 -4.24
CA VAL A 73 28.46 14.51 -5.34
C VAL A 73 28.28 13.14 -4.66
N VAL A 74 27.08 12.59 -4.81
CA VAL A 74 26.58 11.45 -4.00
C VAL A 74 26.36 10.28 -4.95
N PRO A 75 27.35 9.40 -5.10
CA PRO A 75 27.23 8.25 -5.98
C PRO A 75 26.17 7.26 -5.48
N HIS A 76 25.39 6.73 -6.42
CA HIS A 76 24.24 5.84 -6.12
C HIS A 76 24.00 4.92 -7.30
N SER A 77 23.24 3.87 -7.05
CA SER A 77 22.88 2.81 -8.01
C SER A 77 21.44 2.38 -7.69
N HIS A 78 20.53 2.64 -8.61
CA HIS A 78 19.11 2.29 -8.44
C HIS A 78 18.96 0.80 -8.78
N ASN A 79 18.64 0.00 -7.76
CA ASN A 79 18.52 -1.47 -7.83
C ASN A 79 17.06 -1.84 -7.57
N ASP A 80 16.31 -2.17 -8.62
CA ASP A 80 14.93 -2.66 -8.55
C ASP A 80 14.88 -4.12 -8.09
N PRO A 81 14.24 -4.42 -6.93
CA PRO A 81 13.99 -5.79 -6.50
C PRO A 81 12.91 -6.48 -7.35
N GLY A 82 13.18 -6.55 -8.64
CA GLY A 82 12.22 -7.02 -9.64
C GLY A 82 11.74 -5.89 -10.50
N TRP A 83 11.78 -6.12 -11.80
CA TRP A 83 11.14 -5.26 -12.83
C TRP A 83 11.18 -5.98 -14.18
N ILE A 84 12.31 -5.92 -14.88
CA ILE A 84 12.56 -6.60 -16.20
C ILE A 84 13.00 -8.03 -15.89
N GLN A 85 13.73 -8.20 -14.79
CA GLN A 85 14.18 -9.50 -14.24
C GLN A 85 13.58 -9.66 -12.84
N THR A 86 13.62 -10.89 -12.34
CA THR A 86 13.22 -11.24 -10.96
C THR A 86 14.30 -10.74 -10.01
N PHE A 87 13.97 -10.66 -8.74
CA PHE A 87 14.92 -10.34 -7.67
C PHE A 87 16.18 -11.22 -7.79
N GLU A 88 16.01 -12.55 -7.92
CA GLU A 88 17.17 -13.47 -7.91
C GLU A 88 18.03 -13.26 -9.16
N GLU A 89 17.41 -13.10 -10.31
CA GLU A 89 18.13 -12.85 -11.57
C GLU A 89 18.96 -11.56 -11.44
N TYR A 90 18.34 -10.46 -11.00
CA TYR A 90 19.08 -9.19 -10.83
C TYR A 90 20.17 -9.40 -9.81
N TYR A 91 19.92 -10.18 -8.75
CA TYR A 91 20.93 -10.37 -7.70
C TYR A 91 22.15 -11.06 -8.32
N GLN A 92 21.92 -12.15 -9.06
CA GLN A 92 23.00 -13.00 -9.63
C GLN A 92 23.75 -12.23 -10.73
N HIS A 93 23.06 -11.48 -11.61
CA HIS A 93 23.64 -10.87 -12.84
C HIS A 93 24.04 -9.41 -12.65
N ASP A 94 23.66 -8.71 -11.57
CA ASP A 94 23.91 -7.25 -11.47
C ASP A 94 24.30 -6.83 -10.06
N THR A 95 23.34 -6.91 -9.15
CA THR A 95 23.48 -6.35 -7.78
C THR A 95 24.62 -7.00 -7.02
N LYS A 96 24.82 -8.32 -7.13
CA LYS A 96 25.92 -9.01 -6.43
C LYS A 96 27.26 -8.32 -6.81
N HIS A 97 27.42 -7.94 -8.07
CA HIS A 97 28.67 -7.36 -8.63
C HIS A 97 28.80 -5.89 -8.20
N ILE A 98 27.67 -5.18 -8.17
CA ILE A 98 27.64 -3.78 -7.67
C ILE A 98 28.16 -3.75 -6.25
N LEU A 99 27.66 -4.61 -5.38
CA LEU A 99 28.00 -4.53 -3.93
C LEU A 99 29.43 -5.05 -3.71
N SER A 100 29.87 -6.03 -4.48
CA SER A 100 31.26 -6.58 -4.40
CA SER A 100 31.26 -6.57 -4.39
C SER A 100 32.25 -5.48 -4.77
N ASN A 101 32.03 -4.85 -5.92
CA ASN A 101 32.83 -3.70 -6.43
C ASN A 101 32.74 -2.50 -5.48
N ALA A 102 31.61 -2.26 -4.81
CA ALA A 102 31.49 -1.19 -3.81
C ALA A 102 32.37 -1.52 -2.61
N LEU A 103 32.32 -2.77 -2.15
CA LEU A 103 33.11 -3.20 -0.97
C LEU A 103 34.60 -2.93 -1.27
N ARG A 104 35.06 -3.39 -2.44
CA ARG A 104 36.47 -3.32 -2.89
C ARG A 104 36.85 -1.84 -3.08
N HIS A 105 36.09 -1.10 -3.89
CA HIS A 105 36.46 0.27 -4.32
CA HIS A 105 36.50 0.27 -4.32
C HIS A 105 36.39 1.26 -3.15
N LEU A 106 35.42 1.11 -2.25
CA LEU A 106 35.33 1.99 -1.05
C LEU A 106 36.43 1.62 -0.07
N HIS A 107 36.75 0.33 0.06
CA HIS A 107 37.86 -0.12 0.94
C HIS A 107 39.16 0.56 0.48
N ASP A 108 39.42 0.53 -0.82
CA ASP A 108 40.71 0.96 -1.43
C ASP A 108 40.79 2.47 -1.62
N ASN A 109 39.67 3.19 -1.51
CA ASN A 109 39.58 4.62 -1.90
C ASN A 109 38.84 5.34 -0.79
N PRO A 110 39.53 5.69 0.32
CA PRO A 110 38.84 6.16 1.52
C PRO A 110 37.99 7.41 1.35
N GLU A 111 38.20 8.21 0.29
CA GLU A 111 37.46 9.49 0.07
C GLU A 111 36.21 9.24 -0.77
N MET A 112 36.14 8.10 -1.46
CA MET A 112 34.96 7.72 -2.25
C MET A 112 33.81 7.37 -1.32
N LYS A 113 32.58 7.57 -1.80
CA LYS A 113 31.33 7.43 -1.01
C LYS A 113 30.28 6.74 -1.90
N PHE A 114 29.26 6.15 -1.27
CA PHE A 114 28.19 5.40 -1.96
C PHE A 114 27.00 5.31 -1.01
N ILE A 115 25.80 5.47 -1.54
CA ILE A 115 24.56 5.31 -0.73
C ILE A 115 23.81 4.08 -1.26
N TRP A 116 23.13 3.39 -0.36
CA TRP A 116 22.43 2.11 -0.66
C TRP A 116 21.05 2.14 0.00
N ALA A 117 20.01 1.82 -0.79
CA ALA A 117 18.59 1.93 -0.39
C ALA A 117 17.94 0.56 -0.12
N GLU A 118 18.13 -0.42 -1.01
CA GLU A 118 17.31 -1.67 -0.95
C GLU A 118 17.94 -2.72 -0.04
N ILE A 119 17.41 -2.89 1.16
CA ILE A 119 18.06 -3.82 2.12
C ILE A 119 17.76 -5.27 1.73
N SER A 120 16.70 -5.53 0.97
CA SER A 120 16.41 -6.89 0.46
C SER A 120 17.68 -7.42 -0.23
N TYR A 121 18.23 -6.66 -1.17
CA TYR A 121 19.46 -7.01 -1.91
C TYR A 121 20.68 -7.04 -1.00
N PHE A 122 20.82 -6.06 -0.09
CA PHE A 122 22.02 -5.99 0.79
C PHE A 122 22.10 -7.21 1.71
N ALA A 123 20.98 -7.63 2.32
CA ALA A 123 20.93 -8.80 3.21
C ALA A 123 21.26 -10.03 2.38
N ARG A 124 20.71 -10.12 1.18
CA ARG A 124 20.96 -11.28 0.28
C ARG A 124 22.48 -11.42 0.12
N PHE A 125 23.14 -10.30 -0.17
CA PHE A 125 24.58 -10.21 -0.46
C PHE A 125 25.39 -10.52 0.79
N TYR A 126 25.10 -9.84 1.91
CA TYR A 126 25.95 -9.91 3.12
CA TYR A 126 25.93 -9.91 3.13
C TYR A 126 26.02 -11.36 3.65
N HIS A 127 24.88 -12.06 3.68
CA HIS A 127 24.80 -13.44 4.25
C HIS A 127 25.59 -14.43 3.37
N ASP A 128 25.77 -14.16 2.07
CA ASP A 128 26.61 -14.97 1.15
C ASP A 128 28.13 -14.73 1.39
N LEU A 129 28.54 -13.65 2.05
CA LEU A 129 29.99 -13.27 2.15
C LEU A 129 30.74 -14.21 3.11
N GLY A 130 32.05 -14.37 2.91
CA GLY A 130 32.94 -14.96 3.92
C GLY A 130 33.13 -13.97 5.05
N GLU A 131 33.72 -14.41 6.16
CA GLU A 131 33.89 -13.58 7.38
C GLU A 131 34.77 -12.36 7.09
N ASN A 132 35.84 -12.55 6.31
CA ASN A 132 36.82 -11.48 5.98
C ASN A 132 36.03 -10.30 5.37
N LYS A 133 35.20 -10.57 4.38
CA LYS A 133 34.45 -9.55 3.62
C LYS A 133 33.36 -8.93 4.49
N LYS A 134 32.71 -9.73 5.34
CA LYS A 134 31.72 -9.21 6.33
C LYS A 134 32.40 -8.17 7.20
N LEU A 135 33.60 -8.45 7.70
CA LEU A 135 34.32 -7.48 8.54
C LEU A 135 34.71 -6.27 7.68
N GLN A 136 35.20 -6.45 6.44
CA GLN A 136 35.51 -5.30 5.56
C GLN A 136 34.24 -4.45 5.38
N MET A 137 33.09 -5.09 5.15
CA MET A 137 31.79 -4.38 4.90
C MET A 137 31.43 -3.56 6.15
N LYS A 138 31.44 -4.18 7.32
CA LYS A 138 31.16 -3.47 8.59
C LYS A 138 32.06 -2.25 8.69
N SER A 139 33.32 -2.33 8.26
CA SER A 139 34.28 -1.21 8.48
C SER A 139 33.98 -0.03 7.53
N ILE A 140 33.60 -0.26 6.27
CA ILE A 140 33.27 0.87 5.35
C ILE A 140 31.88 1.46 5.70
N VAL A 141 31.04 0.73 6.42
CA VAL A 141 29.75 1.25 6.96
C VAL A 141 30.03 2.05 8.22
N LYS A 142 30.89 1.53 9.11
CA LYS A 142 31.21 2.19 10.39
C LYS A 142 31.87 3.55 10.11
N ASN A 143 32.77 3.64 9.14
CA ASN A 143 33.50 4.91 8.84
C ASN A 143 32.67 5.82 7.90
N GLY A 144 31.42 5.47 7.60
CA GLY A 144 30.50 6.35 6.85
C GLY A 144 30.73 6.38 5.34
N GLN A 145 31.62 5.58 4.76
CA GLN A 145 31.84 5.57 3.29
C GLN A 145 30.59 5.02 2.59
N LEU A 146 30.07 3.90 3.07
CA LEU A 146 28.85 3.27 2.52
C LEU A 146 27.72 3.60 3.48
N GLU A 147 26.74 4.36 2.98
CA GLU A 147 25.68 4.91 3.85
C GLU A 147 24.33 4.41 3.34
N PHE A 148 23.60 3.78 4.22
CA PHE A 148 22.24 3.29 3.94
C PHE A 148 21.27 4.46 4.03
N VAL A 149 20.43 4.52 3.02
CA VAL A 149 19.42 5.57 2.87
C VAL A 149 18.06 4.86 2.95
N THR A 150 17.17 5.36 3.80
CA THR A 150 15.86 4.77 4.19
C THR A 150 16.12 3.48 4.95
N GLY A 151 16.70 2.47 4.29
CA GLY A 151 16.97 1.18 4.95
C GLY A 151 15.73 0.31 5.04
N GLY A 152 14.75 0.53 4.17
CA GLY A 152 13.61 -0.38 3.99
C GLY A 152 14.05 -1.61 3.20
N TRP A 153 13.26 -2.66 3.29
CA TRP A 153 13.49 -3.88 2.48
C TRP A 153 13.50 -3.49 1.01
N VAL A 154 12.65 -2.54 0.64
CA VAL A 154 12.48 -2.00 -0.74
C VAL A 154 12.35 -0.49 -0.65
N MET A 155 12.26 0.14 -1.82
CA MET A 155 11.82 1.52 -2.01
C MET A 155 10.36 1.42 -2.47
N PRO A 156 9.39 1.49 -1.51
CA PRO A 156 8.03 1.07 -1.86
C PRO A 156 7.29 2.04 -2.77
N ASP A 157 6.33 1.48 -3.49
CA ASP A 157 5.24 2.25 -4.10
C ASP A 157 4.59 3.08 -2.98
N GLU A 158 4.08 4.24 -3.32
CA GLU A 158 3.46 5.15 -2.33
C GLU A 158 1.98 5.35 -2.67
N ALA A 159 1.52 4.83 -3.81
CA ALA A 159 0.15 5.05 -4.31
C ALA A 159 -0.76 3.91 -3.83
N ASN A 160 -0.39 2.65 -4.09
CA ASN A 160 -1.24 1.44 -3.85
C ASN A 160 -0.98 0.79 -2.49
N SER A 161 0.14 1.11 -1.85
CA SER A 161 0.68 0.42 -0.66
C SER A 161 -0.16 0.80 0.54
N HIS A 162 -0.54 -0.17 1.35
CA HIS A 162 -1.16 0.12 2.67
C HIS A 162 -0.07 0.60 3.64
N TRP A 163 -0.36 1.60 4.46
CA TRP A 163 0.62 2.13 5.42
C TRP A 163 1.19 1.00 6.29
N ARG A 164 0.40 -0.01 6.62
CA ARG A 164 0.83 -1.12 7.51
C ARG A 164 1.99 -1.86 6.82
N ASN A 165 1.88 -2.03 5.51
CA ASN A 165 2.90 -2.76 4.70
C ASN A 165 4.10 -1.84 4.45
N VAL A 166 3.89 -0.52 4.35
CA VAL A 166 5.03 0.42 4.26
C VAL A 166 5.81 0.30 5.57
N LEU A 167 5.13 0.30 6.71
CA LEU A 167 5.82 0.13 8.02
C LEU A 167 6.50 -1.26 8.08
N LEU A 168 5.82 -2.32 7.61
CA LEU A 168 6.33 -3.71 7.66
C LEU A 168 7.69 -3.75 6.96
N GLN A 169 7.74 -3.26 5.73
CA GLN A 169 8.95 -3.36 4.87
C GLN A 169 10.04 -2.45 5.45
N LEU A 170 9.67 -1.29 6.01
CA LEU A 170 10.66 -0.42 6.68
C LEU A 170 11.27 -1.16 7.87
N THR A 171 10.45 -1.80 8.69
CA THR A 171 10.84 -2.53 9.91
C THR A 171 11.76 -3.71 9.52
N GLU A 172 11.40 -4.43 8.48
CA GLU A 172 12.19 -5.61 8.04
C GLU A 172 13.63 -5.14 7.71
N GLY A 173 13.75 -4.09 6.90
CA GLY A 173 15.07 -3.56 6.52
C GLY A 173 15.80 -2.98 7.70
N GLN A 174 15.18 -2.11 8.49
CA GLN A 174 15.95 -1.43 9.55
C GLN A 174 16.29 -2.43 10.68
N THR A 175 15.45 -3.45 10.91
CA THR A 175 15.74 -4.45 11.97
C THR A 175 16.98 -5.26 11.56
N TRP A 176 17.06 -5.62 10.27
CA TRP A 176 18.26 -6.24 9.67
C TRP A 176 19.48 -5.31 9.82
N LEU A 177 19.38 -4.04 9.40
CA LEU A 177 20.51 -3.08 9.51
C LEU A 177 20.93 -2.95 10.98
N LYS A 178 19.99 -2.87 11.93
CA LYS A 178 20.40 -2.68 13.35
C LYS A 178 21.14 -3.94 13.82
N GLN A 179 20.58 -5.12 13.53
CA GLN A 179 21.13 -6.42 14.00
C GLN A 179 22.52 -6.63 13.40
N PHE A 180 22.72 -6.34 12.11
CA PHE A 180 23.92 -6.79 11.36
C PHE A 180 24.94 -5.68 11.08
N MET A 181 24.53 -4.42 10.97
CA MET A 181 25.43 -3.27 10.64
CA MET A 181 25.45 -3.29 10.66
C MET A 181 25.44 -2.26 11.80
N ASN A 182 24.62 -2.47 12.83
CA ASN A 182 24.52 -1.52 13.97
C ASN A 182 24.26 -0.10 13.46
N VAL A 183 23.40 0.11 12.45
CA VAL A 183 23.02 1.48 12.01
C VAL A 183 21.52 1.57 11.78
N THR A 184 20.98 2.74 12.04
CA THR A 184 19.56 3.06 11.75
C THR A 184 19.56 4.34 10.92
N PRO A 185 19.28 4.27 9.61
CA PRO A 185 19.16 5.50 8.82
C PRO A 185 18.12 6.50 9.34
N THR A 186 18.45 7.79 9.22
CA THR A 186 17.58 8.95 9.57
C THR A 186 17.31 9.80 8.31
N ALA A 187 17.90 9.47 7.16
CA ALA A 187 17.62 10.12 5.88
C ALA A 187 17.00 9.11 4.90
N SER A 188 15.92 9.49 4.24
CA SER A 188 15.19 8.63 3.28
C SER A 188 15.45 9.12 1.83
N TRP A 189 15.51 8.17 0.89
CA TRP A 189 15.83 8.36 -0.55
C TRP A 189 14.76 7.61 -1.33
N ALA A 190 13.89 8.35 -2.01
CA ALA A 190 12.78 7.77 -2.80
C ALA A 190 12.82 8.42 -4.18
N ILE A 191 13.63 7.85 -5.08
CA ILE A 191 13.90 8.50 -6.39
C ILE A 191 13.00 7.95 -7.50
N ASP A 192 12.33 6.81 -7.32
CA ASP A 192 11.63 6.11 -8.45
C ASP A 192 10.12 5.95 -8.26
N PRO A 193 9.51 5.95 -7.05
CA PRO A 193 8.08 5.77 -6.95
C PRO A 193 7.34 6.81 -7.79
N PHE A 194 6.21 6.43 -8.38
CA PHE A 194 5.53 7.22 -9.44
C PHE A 194 4.55 8.19 -8.78
N GLY A 195 5.09 9.30 -8.25
CA GLY A 195 4.35 10.15 -7.31
C GLY A 195 4.59 9.77 -5.86
N HIS A 196 4.25 10.66 -4.94
CA HIS A 196 4.68 10.57 -3.53
C HIS A 196 3.51 10.92 -2.61
N SER A 197 3.48 10.22 -1.48
CA SER A 197 2.43 10.25 -0.44
C SER A 197 2.99 10.84 0.84
N PRO A 198 2.18 11.65 1.58
CA PRO A 198 2.56 12.16 2.89
C PRO A 198 2.53 11.03 3.92
N THR A 199 2.03 9.86 3.56
CA THR A 199 2.12 8.69 4.47
C THR A 199 3.60 8.40 4.78
N MET A 200 4.50 8.60 3.81
CA MET A 200 5.93 8.32 4.01
C MET A 200 6.47 9.21 5.14
N PRO A 201 6.45 10.57 5.05
CA PRO A 201 6.94 11.37 6.18
C PRO A 201 6.21 11.02 7.50
N TYR A 202 4.92 10.69 7.44
CA TYR A 202 4.15 10.29 8.65
C TYR A 202 4.88 9.14 9.38
N ILE A 203 5.16 8.06 8.65
CA ILE A 203 5.81 6.84 9.21
C ILE A 203 7.27 7.15 9.54
N LEU A 204 8.00 7.80 8.63
CA LEU A 204 9.44 8.05 8.84
C LEU A 204 9.66 8.91 10.10
N GLN A 205 8.87 9.96 10.27
CA GLN A 205 9.03 10.92 11.39
C GLN A 205 8.76 10.20 12.72
N LYS A 206 7.87 9.20 12.73
CA LYS A 206 7.56 8.38 13.94
C LYS A 206 8.51 7.18 14.03
N SER A 207 9.49 7.05 13.11
CA SER A 207 10.53 6.01 13.07
C SER A 207 11.92 6.63 13.20
N GLY A 208 12.02 7.86 13.72
CA GLY A 208 13.31 8.50 14.05
C GLY A 208 13.93 9.30 12.93
N PHE A 209 13.30 9.41 11.75
CA PHE A 209 13.91 10.11 10.58
C PHE A 209 13.96 11.61 10.84
N LYS A 210 14.94 12.27 10.23
CA LYS A 210 15.15 13.73 10.29
C LYS A 210 15.01 14.35 8.89
N ASN A 211 15.21 13.57 7.82
CA ASN A 211 15.13 14.12 6.44
C ASN A 211 14.68 13.08 5.43
N MET A 212 14.08 13.53 4.32
CA MET A 212 13.74 12.60 3.22
C MET A 212 13.90 13.31 1.87
N LEU A 213 14.05 12.53 0.82
CA LEU A 213 14.23 13.03 -0.56
C LEU A 213 13.26 12.30 -1.47
N ILE A 214 12.70 13.05 -2.43
CA ILE A 214 11.71 12.57 -3.43
C ILE A 214 12.07 13.15 -4.79
N GLN A 215 11.56 12.53 -5.86
CA GLN A 215 11.94 12.88 -7.27
C GLN A 215 10.71 12.98 -8.17
N ARG A 216 9.92 11.91 -8.29
CA ARG A 216 8.84 11.84 -9.32
C ARG A 216 7.63 12.66 -8.83
N THR A 217 7.69 13.97 -9.05
CA THR A 217 6.51 14.87 -8.96
C THR A 217 6.26 15.51 -10.34
N HIS A 218 5.03 15.88 -10.57
CA HIS A 218 4.56 16.57 -11.82
C HIS A 218 5.54 17.70 -12.22
N TYR A 219 5.98 17.66 -13.48
CA TYR A 219 6.86 18.68 -14.11
C TYR A 219 6.36 20.09 -13.79
N SER A 220 5.04 20.37 -13.82
CA SER A 220 4.51 21.72 -13.50
C SER A 220 4.74 22.05 -12.04
N VAL A 221 4.65 21.06 -11.15
CA VAL A 221 4.90 21.26 -9.69
C VAL A 221 6.39 21.57 -9.49
N LYS A 222 7.29 20.81 -10.12
CA LYS A 222 8.75 21.11 -10.06
C LYS A 222 8.95 22.59 -10.42
N LYS A 223 8.34 23.03 -11.53
CA LYS A 223 8.56 24.40 -12.09
C LYS A 223 8.07 25.40 -11.07
N GLU A 224 6.85 25.23 -10.57
CA GLU A 224 6.16 26.18 -9.65
C GLU A 224 6.95 26.33 -8.34
N LEU A 225 7.37 25.21 -7.75
CA LEU A 225 8.14 25.21 -6.47
C LEU A 225 9.55 25.73 -6.75
N ALA A 226 10.17 25.36 -7.87
CA ALA A 226 11.53 25.85 -8.20
C ALA A 226 11.50 27.38 -8.24
N GLN A 227 10.48 27.95 -8.88
CA GLN A 227 10.31 29.43 -9.04
C GLN A 227 10.34 30.10 -7.65
N GLN A 228 9.83 29.46 -6.60
CA GLN A 228 9.69 30.08 -5.25
C GLN A 228 10.79 29.55 -4.30
N ARG A 229 11.76 28.79 -4.80
CA ARG A 229 12.75 28.10 -3.93
C ARG A 229 11.96 27.38 -2.82
N GLN A 230 10.88 26.66 -3.21
CA GLN A 230 10.09 25.81 -2.29
C GLN A 230 10.31 24.30 -2.56
N LEU A 231 11.48 23.90 -3.04
CA LEU A 231 11.73 22.47 -3.37
C LEU A 231 12.21 21.74 -2.10
N GLU A 232 12.66 22.49 -1.09
CA GLU A 232 12.92 21.98 0.27
C GLU A 232 11.89 22.60 1.21
N PHE A 233 11.23 21.73 1.96
CA PHE A 233 10.06 22.13 2.75
C PHE A 233 9.94 21.19 3.94
N LEU A 234 9.27 21.70 4.96
CA LEU A 234 8.87 20.92 6.14
C LEU A 234 7.49 20.32 5.85
N TRP A 235 7.46 19.02 5.48
CA TRP A 235 6.23 18.35 5.02
C TRP A 235 5.48 17.85 6.25
N ARG A 236 4.32 18.42 6.53
CA ARG A 236 3.47 17.99 7.68
C ARG A 236 2.17 17.43 7.13
N GLN A 237 1.48 16.67 7.96
CA GLN A 237 0.19 16.03 7.59
C GLN A 237 -0.88 17.11 7.38
N ILE A 238 -1.84 16.82 6.52
CA ILE A 238 -2.90 17.79 6.10
C ILE A 238 -3.75 18.22 7.29
N TRP A 239 -3.77 17.46 8.39
CA TRP A 239 -4.60 17.74 9.60
C TRP A 239 -3.77 18.37 10.72
N ASP A 240 -2.44 18.50 10.56
CA ASP A 240 -1.52 18.76 11.69
C ASP A 240 -1.36 20.27 11.93
N ASN A 241 -2.11 20.82 12.91
CA ASN A 241 -2.12 22.28 13.23
C ASN A 241 -0.79 22.69 13.83
N LYS A 242 -0.25 21.86 14.72
CA LYS A 242 0.93 22.18 15.56
C LYS A 242 2.21 21.99 14.72
N GLY A 243 2.27 21.00 13.84
CA GLY A 243 3.46 20.77 13.00
C GLY A 243 4.44 19.75 13.55
N ASP A 244 4.12 18.98 14.59
CA ASP A 244 5.07 17.96 15.14
C ASP A 244 5.23 16.76 14.19
N THR A 245 4.37 16.59 13.19
CA THR A 245 4.53 15.52 12.16
C THR A 245 5.57 15.95 11.11
N ALA A 246 5.96 17.23 11.07
CA ALA A 246 6.81 17.82 10.00
C ALA A 246 8.08 17.00 9.76
N LEU A 247 8.38 16.70 8.50
CA LEU A 247 9.69 16.10 8.15
C LEU A 247 10.31 16.89 7.00
N PHE A 248 11.57 17.29 7.16
CA PHE A 248 12.29 18.08 6.15
C PHE A 248 12.42 17.21 4.90
N THR A 249 12.00 17.74 3.76
CA THR A 249 11.89 17.03 2.48
C THR A 249 12.61 17.83 1.42
N HIS A 250 13.48 17.15 0.66
CA HIS A 250 14.13 17.69 -0.55
C HIS A 250 13.45 17.04 -1.76
N MET A 251 12.80 17.86 -2.57
CA MET A 251 12.34 17.50 -3.92
C MET A 251 13.43 17.86 -4.94
N MET A 252 13.89 16.87 -5.70
N MET A 252 13.87 16.88 -5.71
CA MET A 252 14.83 17.08 -6.82
CA MET A 252 14.84 17.11 -6.81
C MET A 252 14.10 17.84 -7.93
C MET A 252 14.10 17.83 -7.94
N PRO A 253 14.76 18.74 -8.68
CA PRO A 253 14.03 19.68 -9.53
C PRO A 253 13.74 19.25 -10.96
N PHE A 254 14.42 18.23 -11.45
CA PHE A 254 14.51 17.93 -12.91
C PHE A 254 13.77 16.59 -13.24
N TYR A 255 13.84 16.20 -14.52
CA TYR A 255 12.98 15.17 -15.15
C TYR A 255 13.32 13.76 -14.64
N SER A 256 14.58 13.52 -14.29
CA SER A 256 15.13 12.19 -13.95
C SER A 256 16.12 12.32 -12.78
N TYR A 257 16.41 11.19 -12.16
CA TYR A 257 17.54 11.04 -11.19
C TYR A 257 18.82 10.63 -11.91
N ASP A 258 18.81 10.42 -13.24
CA ASP A 258 20.04 10.01 -13.99
C ASP A 258 21.03 11.19 -14.04
N ILE A 259 22.26 10.92 -14.49
CA ILE A 259 23.35 11.95 -14.40
C ILE A 259 22.99 13.15 -15.29
N PRO A 260 22.43 12.95 -16.51
CA PRO A 260 22.05 14.09 -17.34
C PRO A 260 21.06 15.06 -16.69
N HIS A 261 20.23 14.61 -15.74
CA HIS A 261 19.22 15.46 -15.07
C HIS A 261 19.54 15.64 -13.58
N THR A 262 20.81 15.55 -13.17
CA THR A 262 21.23 15.77 -11.75
C THR A 262 22.38 16.77 -11.58
N CYS A 263 23.12 17.17 -12.63
CA CYS A 263 24.26 18.12 -12.47
C CYS A 263 23.77 19.57 -12.54
N GLY A 264 22.62 19.78 -13.16
CA GLY A 264 22.09 21.13 -13.44
C GLY A 264 21.01 21.04 -14.52
N PRO A 265 20.52 22.21 -14.97
CA PRO A 265 19.36 22.25 -15.88
C PRO A 265 19.57 21.81 -17.34
N ASP A 266 20.80 21.60 -17.79
CA ASP A 266 21.04 21.32 -19.23
C ASP A 266 21.62 19.92 -19.39
N PRO A 267 20.80 18.94 -19.81
CA PRO A 267 21.22 17.54 -19.85
C PRO A 267 22.29 17.28 -20.89
N LYS A 268 22.33 18.10 -21.95
CA LYS A 268 23.37 18.03 -23.01
C LYS A 268 24.74 18.29 -22.37
N VAL A 269 24.80 19.21 -21.40
CA VAL A 269 26.04 19.44 -20.60
C VAL A 269 26.24 18.32 -19.58
N CYS A 270 25.25 18.06 -18.72
CA CYS A 270 25.38 17.07 -17.61
C CYS A 270 25.78 15.69 -18.16
N CYS A 271 25.31 15.32 -19.35
CA CYS A 271 25.59 13.99 -19.95
C CYS A 271 27.09 13.80 -20.17
N GLN A 272 27.79 14.91 -20.41
CA GLN A 272 29.26 14.92 -20.66
C GLN A 272 30.01 14.60 -19.36
N PHE A 273 29.32 14.58 -18.21
CA PHE A 273 29.95 14.27 -16.90
C PHE A 273 29.43 12.95 -16.31
N ASP A 274 28.89 12.08 -17.17
CA ASP A 274 28.64 10.64 -16.89
C ASP A 274 29.70 9.84 -17.65
N PHE A 275 30.81 9.52 -17.00
CA PHE A 275 32.03 9.00 -17.67
C PHE A 275 31.84 7.55 -18.10
N LYS A 276 30.76 6.87 -17.70
CA LYS A 276 30.43 5.52 -18.25
C LYS A 276 29.99 5.65 -19.71
N ARG A 277 29.63 6.84 -20.17
CA ARG A 277 29.03 7.05 -21.52
C ARG A 277 30.11 7.35 -22.57
N MET A 278 31.35 6.94 -22.35
CA MET A 278 32.44 7.03 -23.36
C MET A 278 32.53 5.69 -24.12
N GLY A 279 33.73 5.11 -24.28
CA GLY A 279 34.07 4.14 -25.35
C GLY A 279 33.80 2.69 -24.97
N SER A 280 34.57 2.15 -24.00
CA SER A 280 34.67 0.70 -23.68
C SER A 280 33.39 0.14 -23.07
N PHE A 281 32.48 0.99 -22.56
CA PHE A 281 31.23 0.62 -21.81
C PHE A 281 30.05 0.40 -22.77
N GLY A 282 30.12 0.96 -23.98
CA GLY A 282 29.10 0.78 -25.05
C GLY A 282 27.83 1.56 -24.78
N LEU A 283 27.91 2.67 -24.03
CA LEU A 283 26.79 3.62 -23.77
C LEU A 283 27.14 4.99 -24.38
N SER A 284 26.15 5.88 -24.52
CA SER A 284 26.32 7.16 -25.27
C SER A 284 25.38 8.25 -24.75
N CYS A 285 25.62 9.49 -25.15
CA CYS A 285 24.76 10.67 -24.85
C CYS A 285 23.80 10.94 -26.01
N PRO A 286 22.47 10.87 -25.78
CA PRO A 286 21.47 11.27 -26.77
C PRO A 286 21.54 12.69 -27.35
N TRP A 287 22.09 13.67 -26.61
CA TRP A 287 22.22 15.10 -27.04
C TRP A 287 23.45 15.28 -27.94
N LYS A 288 24.24 14.23 -28.15
CA LYS A 288 25.21 14.03 -29.28
C LYS A 288 26.62 14.50 -28.89
N VAL A 289 26.81 15.14 -27.73
CA VAL A 289 28.17 15.54 -27.24
C VAL A 289 28.59 14.51 -26.20
N PRO A 290 29.65 13.70 -26.49
CA PRO A 290 30.09 12.66 -25.57
C PRO A 290 30.86 13.27 -24.40
N PRO A 291 30.98 12.54 -23.26
CA PRO A 291 31.94 12.89 -22.21
C PRO A 291 33.39 12.79 -22.72
N ARG A 292 34.29 13.61 -22.23
CA ARG A 292 35.74 13.48 -22.53
C ARG A 292 36.47 13.25 -21.22
N THR A 293 37.49 12.39 -21.24
CA THR A 293 38.45 12.27 -20.13
C THR A 293 38.90 13.69 -19.73
N ILE A 294 38.88 13.98 -18.42
CA ILE A 294 39.43 15.23 -17.84
C ILE A 294 40.96 15.12 -17.88
N SER A 295 41.61 16.13 -18.48
CA SER A 295 43.08 16.29 -18.61
C SER A 295 43.48 17.69 -18.13
N ASP A 296 44.78 17.90 -17.89
CA ASP A 296 45.33 19.24 -17.60
C ASP A 296 44.93 20.19 -18.74
N GLN A 297 44.89 19.69 -19.98
CA GLN A 297 44.58 20.47 -21.20
C GLN A 297 43.13 20.97 -21.15
N ASN A 298 42.15 20.14 -20.74
CA ASN A 298 40.72 20.52 -20.82
C ASN A 298 40.06 20.78 -19.43
N VAL A 299 40.78 20.75 -18.31
CA VAL A 299 40.09 20.75 -16.96
C VAL A 299 39.48 22.12 -16.67
N ALA A 300 40.13 23.22 -17.04
CA ALA A 300 39.61 24.59 -16.83
C ALA A 300 38.30 24.79 -17.62
N ALA A 301 38.26 24.38 -18.87
CA ALA A 301 37.06 24.53 -19.72
C ALA A 301 35.94 23.63 -19.16
N ARG A 302 36.27 22.38 -18.86
CA ARG A 302 35.24 21.40 -18.39
C ARG A 302 34.67 21.85 -17.04
N SER A 303 35.48 22.37 -16.13
CA SER A 303 35.06 22.88 -14.80
C SER A 303 34.17 24.11 -14.95
N ASP A 304 34.50 25.02 -15.87
CA ASP A 304 33.66 26.20 -16.22
C ASP A 304 32.25 25.71 -16.55
N LEU A 305 32.11 24.75 -17.45
CA LEU A 305 30.76 24.24 -17.85
C LEU A 305 30.07 23.62 -16.64
N LEU A 306 30.75 22.73 -15.93
CA LEU A 306 30.14 21.94 -14.82
C LEU A 306 29.75 22.88 -13.68
N VAL A 307 30.64 23.78 -13.23
CA VAL A 307 30.35 24.71 -12.11
C VAL A 307 29.19 25.63 -12.49
N ASP A 308 29.13 26.09 -13.74
CA ASP A 308 28.00 26.91 -14.24
C ASP A 308 26.68 26.11 -14.06
N GLN A 309 26.65 24.83 -14.42
CA GLN A 309 25.48 23.93 -14.18
C GLN A 309 25.15 23.85 -12.67
N TRP A 310 26.16 23.64 -11.82
CA TRP A 310 25.98 23.58 -10.35
C TRP A 310 25.37 24.89 -9.86
N LYS A 311 25.96 26.02 -10.25
CA LYS A 311 25.47 27.34 -9.76
C LYS A 311 24.04 27.58 -10.26
N LYS A 312 23.69 27.10 -11.46
CA LYS A 312 22.28 27.20 -11.93
C LYS A 312 21.36 26.37 -11.02
N LYS A 313 21.73 25.13 -10.76
CA LYS A 313 20.94 24.23 -9.88
C LYS A 313 20.82 24.88 -8.51
N ALA A 314 21.89 25.49 -7.98
CA ALA A 314 21.87 26.09 -6.62
C ALA A 314 20.87 27.23 -6.53
N GLU A 315 20.58 27.94 -7.62
CA GLU A 315 19.60 29.05 -7.61
C GLU A 315 18.22 28.55 -7.21
N LEU A 316 17.93 27.25 -7.35
CA LEU A 316 16.59 26.70 -7.04
C LEU A 316 16.42 26.40 -5.56
N TYR A 317 17.47 26.54 -4.76
CA TYR A 317 17.50 26.11 -3.32
C TYR A 317 17.98 27.30 -2.48
N ARG A 318 17.84 27.22 -1.17
CA ARG A 318 17.97 28.40 -0.27
C ARG A 318 19.33 28.43 0.44
N THR A 319 20.09 27.34 0.47
CA THR A 319 21.41 27.31 1.14
C THR A 319 22.52 27.30 0.08
N ASN A 320 23.76 27.42 0.57
CA ASN A 320 25.02 27.33 -0.22
C ASN A 320 25.53 25.89 -0.15
N VAL A 321 24.65 24.91 0.11
CA VAL A 321 24.98 23.46 0.11
C VAL A 321 24.15 22.78 -1.00
N LEU A 322 24.82 22.13 -1.93
CA LEU A 322 24.18 21.61 -3.16
C LEU A 322 24.33 20.10 -3.21
N LEU A 323 23.22 19.41 -3.50
CA LEU A 323 23.18 17.94 -3.66
C LEU A 323 23.27 17.63 -5.15
N ILE A 324 24.27 16.85 -5.53
CA ILE A 324 24.49 16.39 -6.93
C ILE A 324 24.53 14.87 -6.89
N PRO A 325 23.38 14.19 -7.07
CA PRO A 325 23.38 12.73 -7.21
C PRO A 325 24.26 12.36 -8.39
N LEU A 326 24.99 11.25 -8.29
CA LEU A 326 25.79 10.68 -9.41
C LEU A 326 25.49 9.18 -9.53
N GLY A 327 24.51 8.83 -10.35
CA GLY A 327 24.17 7.42 -10.56
C GLY A 327 22.98 7.25 -11.46
N ASP A 328 22.56 6.00 -11.62
CA ASP A 328 21.48 5.56 -12.54
C ASP A 328 21.21 4.08 -12.23
N ASP A 329 20.34 3.48 -13.03
CA ASP A 329 19.82 2.09 -12.90
C ASP A 329 20.96 1.10 -12.99
N PHE A 330 21.18 0.40 -11.88
CA PHE A 330 22.16 -0.71 -11.68
C PHE A 330 23.57 -0.24 -12.09
N ARG A 331 23.93 1.01 -11.75
CA ARG A 331 25.27 1.55 -12.04
C ARG A 331 26.28 0.99 -11.04
N PHE A 332 27.56 1.24 -11.30
CA PHE A 332 28.69 0.85 -10.43
C PHE A 332 28.80 -0.68 -10.33
N LYS A 333 28.44 -1.34 -11.41
CA LYS A 333 28.52 -2.81 -11.62
C LYS A 333 29.97 -3.24 -11.88
N GLN A 334 30.68 -2.51 -12.76
CA GLN A 334 32.07 -2.83 -13.21
C GLN A 334 33.09 -2.06 -12.38
N ASN A 335 34.19 -2.74 -12.10
CA ASN A 335 35.44 -2.18 -11.51
C ASN A 335 35.86 -0.91 -12.28
N THR A 336 35.72 -0.92 -13.61
CA THR A 336 36.23 0.15 -14.51
C THR A 336 35.31 1.37 -14.46
N GLU A 337 34.04 1.16 -14.09
CA GLU A 337 33.05 2.25 -13.96
C GLU A 337 33.38 3.06 -12.70
N TRP A 338 33.60 2.39 -11.58
CA TRP A 338 34.11 2.99 -10.33
C TRP A 338 35.32 3.88 -10.67
N ASP A 339 36.28 3.34 -11.43
CA ASP A 339 37.55 4.04 -11.78
C ASP A 339 37.28 5.29 -12.63
N VAL A 340 36.57 5.15 -13.74
CA VAL A 340 36.35 6.26 -14.69
C VAL A 340 35.51 7.39 -14.04
N GLN A 341 34.47 7.06 -13.26
CA GLN A 341 33.69 8.11 -12.54
C GLN A 341 34.57 8.74 -11.46
N ARG A 342 35.22 7.95 -10.61
CA ARG A 342 35.98 8.46 -9.46
C ARG A 342 37.13 9.34 -9.95
N VAL A 343 37.96 8.83 -10.88
CA VAL A 343 39.22 9.53 -11.26
C VAL A 343 38.88 10.86 -11.93
N ASN A 344 37.95 10.86 -12.86
CA ASN A 344 37.56 12.08 -13.60
C ASN A 344 36.98 13.11 -12.62
N TYR A 345 36.09 12.72 -11.70
CA TYR A 345 35.52 13.66 -10.71
C TYR A 345 36.65 14.17 -9.80
N GLU A 346 37.57 13.32 -9.36
CA GLU A 346 38.71 13.76 -8.51
C GLU A 346 39.49 14.85 -9.26
N ARG A 347 39.74 14.67 -10.56
CA ARG A 347 40.48 15.70 -11.38
C ARG A 347 39.71 17.01 -11.33
N LEU A 348 38.39 16.94 -11.51
CA LEU A 348 37.51 18.13 -11.50
C LEU A 348 37.57 18.78 -10.12
N PHE A 349 37.34 18.00 -9.05
CA PHE A 349 37.40 18.50 -7.66
C PHE A 349 38.75 19.17 -7.41
N GLU A 350 39.84 18.51 -7.81
CA GLU A 350 41.22 18.98 -7.50
C GLU A 350 41.43 20.37 -8.14
N HIS A 351 40.98 20.55 -9.39
CA HIS A 351 41.08 21.84 -10.13
C HIS A 351 40.14 22.87 -9.50
N ILE A 352 38.86 22.54 -9.33
CA ILE A 352 37.81 23.51 -8.86
C ILE A 352 38.17 24.02 -7.47
N ASN A 353 38.61 23.12 -6.58
CA ASN A 353 38.88 23.51 -5.17
C ASN A 353 40.12 24.40 -5.13
N SER A 354 41.06 24.17 -6.04
CA SER A 354 42.36 24.90 -6.12
C SER A 354 42.21 26.26 -6.78
N GLN A 355 41.05 26.59 -7.36
CA GLN A 355 40.85 27.82 -8.18
C GLN A 355 39.87 28.74 -7.48
N ALA A 356 40.38 29.74 -6.78
CA ALA A 356 39.61 30.69 -5.95
C ALA A 356 38.45 31.30 -6.73
N HIS A 357 38.62 31.53 -8.04
CA HIS A 357 37.62 32.25 -8.86
C HIS A 357 36.26 31.52 -8.86
N PHE A 358 36.22 30.19 -8.75
CA PHE A 358 34.94 29.44 -8.69
C PHE A 358 34.21 29.69 -7.37
N ASN A 359 34.96 29.92 -6.29
CA ASN A 359 34.41 29.99 -4.91
C ASN A 359 33.54 28.74 -4.64
N VAL A 360 34.06 27.56 -5.00
CA VAL A 360 33.40 26.25 -4.76
C VAL A 360 34.32 25.34 -3.92
N GLN A 361 33.72 24.57 -3.00
CA GLN A 361 34.33 23.36 -2.39
C GLN A 361 33.46 22.18 -2.81
N ALA A 362 34.00 21.27 -3.62
CA ALA A 362 33.28 20.11 -4.18
C ALA A 362 33.96 18.83 -3.70
N GLN A 363 33.17 17.84 -3.28
CA GLN A 363 33.73 16.51 -2.91
C GLN A 363 32.64 15.45 -2.96
N PHE A 364 33.05 14.19 -3.01
CA PHE A 364 32.14 13.03 -2.84
C PHE A 364 31.57 13.17 -1.44
N GLY A 365 30.30 12.84 -1.31
CA GLY A 365 29.56 12.88 -0.03
C GLY A 365 28.45 11.84 -0.01
N THR A 366 27.76 11.77 1.11
CA THR A 366 26.56 10.93 1.30
C THR A 366 25.35 11.84 1.51
N LEU A 367 24.18 11.24 1.52
CA LEU A 367 22.90 11.96 1.67
C LEU A 367 22.86 12.60 3.05
N GLN A 368 23.20 11.89 4.12
CA GLN A 368 23.06 12.50 5.46
C GLN A 368 24.07 13.65 5.58
N GLU A 369 25.23 13.54 4.94
CA GLU A 369 26.27 14.60 4.91
C GLU A 369 25.65 15.86 4.30
N TYR A 370 24.91 15.70 3.21
CA TYR A 370 24.23 16.83 2.56
C TYR A 370 23.23 17.45 3.56
N PHE A 371 22.33 16.63 4.12
CA PHE A 371 21.25 17.12 5.02
C PHE A 371 21.88 17.77 6.26
N ASP A 372 22.92 17.19 6.83
CA ASP A 372 23.59 17.76 8.03
C ASP A 372 24.07 19.17 7.68
N ALA A 373 24.73 19.33 6.53
CA ALA A 373 25.31 20.63 6.09
C ALA A 373 24.18 21.61 5.83
N VAL A 374 23.07 21.17 5.25
CA VAL A 374 21.92 22.07 5.02
C VAL A 374 21.38 22.59 6.37
N HIS A 375 21.28 21.74 7.39
CA HIS A 375 20.69 22.19 8.68
C HIS A 375 21.70 23.08 9.42
N GLN A 376 22.99 22.84 9.28
CA GLN A 376 24.04 23.75 9.85
C GLN A 376 23.87 25.14 9.24
N ALA A 377 23.70 25.23 7.91
CA ALA A 377 23.49 26.50 7.19
C ALA A 377 22.23 27.16 7.74
N GLU A 378 21.18 26.37 7.94
CA GLU A 378 19.88 26.86 8.45
C GLU A 378 20.08 27.43 9.87
N ARG A 379 20.75 26.70 10.75
CA ARG A 379 20.99 27.13 12.16
C ARG A 379 21.97 28.32 12.24
N ALA A 380 22.82 28.52 11.22
CA ALA A 380 23.68 29.73 11.05
C ALA A 380 22.86 30.95 10.58
N GLY A 381 21.58 30.79 10.23
CA GLY A 381 20.66 31.89 9.87
C GLY A 381 20.60 32.15 8.37
N GLN A 382 21.13 31.24 7.57
N GLN A 382 21.05 31.19 7.57
CA GLN A 382 21.26 31.37 6.10
CA GLN A 382 21.27 31.38 6.12
C GLN A 382 19.88 31.28 5.42
C GLN A 382 20.04 30.97 5.30
N ALA A 383 19.00 30.41 5.92
CA ALA A 383 17.71 30.09 5.26
C ALA A 383 16.59 29.85 6.28
N GLU A 384 15.35 30.09 5.91
CA GLU A 384 14.19 29.54 6.65
C GLU A 384 13.31 28.81 5.64
N PHE A 385 12.87 27.60 5.98
CA PHE A 385 12.21 26.69 5.03
C PHE A 385 10.71 26.86 5.11
N PRO A 386 10.03 26.77 3.95
CA PRO A 386 8.58 26.81 3.90
C PRO A 386 7.98 25.51 4.47
N THR A 387 6.71 25.59 4.84
CA THR A 387 5.91 24.46 5.37
C THR A 387 5.02 24.00 4.24
N LEU A 388 4.71 22.70 4.19
CA LEU A 388 3.88 22.15 3.10
C LEU A 388 3.01 21.00 3.63
N SER A 389 1.80 20.90 3.11
CA SER A 389 0.88 19.74 3.33
C SER A 389 0.28 19.36 1.99
N GLY A 390 -0.18 18.11 1.86
CA GLY A 390 -0.76 17.59 0.64
C GLY A 390 0.02 16.40 0.09
N ASP A 391 -0.26 16.02 -1.13
CA ASP A 391 0.39 14.88 -1.79
C ASP A 391 0.87 15.31 -3.17
N PHE A 392 1.46 14.36 -3.88
CA PHE A 392 2.09 14.57 -5.19
C PHE A 392 1.60 13.46 -6.12
N PHE A 393 0.28 13.32 -6.16
CA PHE A 393 -0.47 12.55 -7.18
C PHE A 393 -1.46 13.48 -7.89
N THR A 394 -1.75 13.23 -9.17
CA THR A 394 -1.15 12.20 -9.99
C THR A 394 0.04 12.78 -10.77
N TYR A 395 1.16 12.06 -10.75
CA TYR A 395 2.42 12.36 -11.47
C TYR A 395 2.21 12.34 -12.99
N ALA A 396 2.80 13.31 -13.68
CA ALA A 396 3.10 13.31 -15.13
C ALA A 396 4.56 13.72 -15.29
N ASP A 397 5.31 12.96 -16.10
CA ASP A 397 6.72 13.25 -16.45
C ASP A 397 6.80 14.15 -17.70
N ARG A 398 5.79 14.12 -18.59
CA ARG A 398 5.79 14.97 -19.83
C ARG A 398 4.35 15.14 -20.33
N SER A 399 4.08 16.28 -21.00
CA SER A 399 2.78 16.63 -21.65
C SER A 399 1.57 16.13 -20.86
N ASP A 400 0.83 15.16 -21.41
CA ASP A 400 -0.44 14.66 -20.81
C ASP A 400 -0.24 13.21 -20.34
N ASN A 401 1.01 12.78 -20.23
CA ASN A 401 1.36 11.40 -19.81
C ASN A 401 1.21 11.31 -18.28
N TYR A 402 -0.02 11.23 -17.77
CA TYR A 402 -0.33 11.01 -16.33
C TYR A 402 -0.24 9.52 -16.00
N TRP A 403 0.46 9.22 -14.90
CA TRP A 403 0.75 7.83 -14.50
C TRP A 403 -0.37 7.30 -13.59
N SER A 404 -1.62 7.29 -14.05
CA SER A 404 -2.77 6.79 -13.26
C SER A 404 -3.10 5.35 -13.67
N GLY A 405 -2.46 4.82 -14.70
CA GLY A 405 -2.61 3.41 -15.15
C GLY A 405 -2.27 2.43 -14.05
N TYR A 406 -1.13 2.62 -13.38
CA TYR A 406 -0.58 1.65 -12.41
C TYR A 406 -1.41 1.62 -11.12
N TYR A 407 -2.34 2.56 -10.92
CA TYR A 407 -3.32 2.45 -9.80
C TYR A 407 -4.21 1.21 -9.99
N THR A 408 -4.22 0.59 -11.17
CA THR A 408 -5.12 -0.55 -11.51
C THR A 408 -4.33 -1.73 -12.07
N SER A 409 -3.18 -1.49 -12.72
CA SER A 409 -2.43 -2.53 -13.45
C SER A 409 -2.29 -3.79 -12.58
N ARG A 410 -2.56 -4.98 -13.16
CA ARG A 410 -2.42 -6.30 -12.47
C ARG A 410 -3.22 -6.32 -11.16
N PRO A 411 -4.55 -6.19 -11.26
CA PRO A 411 -5.42 -6.04 -10.09
C PRO A 411 -5.57 -7.32 -9.25
N TYR A 412 -5.28 -8.49 -9.83
CA TYR A 412 -5.20 -9.77 -9.09
C TYR A 412 -4.22 -9.64 -7.92
N HIS A 413 -3.02 -9.18 -8.20
CA HIS A 413 -1.90 -9.10 -7.22
C HIS A 413 -2.14 -7.93 -6.22
N LYS A 414 -2.70 -6.83 -6.70
CA LYS A 414 -3.22 -5.72 -5.85
C LYS A 414 -4.16 -6.30 -4.78
N ARG A 415 -5.09 -7.18 -5.17
CA ARG A 415 -6.01 -7.82 -4.22
C ARG A 415 -5.21 -8.76 -3.34
N MET A 416 -4.29 -9.54 -3.93
CA MET A 416 -3.53 -10.53 -3.14
C MET A 416 -2.74 -9.82 -2.04
N ASP A 417 -2.22 -8.63 -2.35
CA ASP A 417 -1.48 -7.81 -1.35
C ASP A 417 -2.31 -7.64 -0.06
N ARG A 418 -3.59 -7.29 -0.20
CA ARG A 418 -4.46 -6.98 0.98
C ARG A 418 -4.80 -8.26 1.75
N VAL A 419 -4.92 -9.38 1.05
CA VAL A 419 -5.15 -10.70 1.69
C VAL A 419 -3.92 -11.04 2.54
N LEU A 420 -2.74 -11.07 1.94
CA LEU A 420 -1.47 -11.40 2.64
C LEU A 420 -1.26 -10.41 3.78
N MET A 421 -1.59 -9.14 3.57
CA MET A 421 -1.42 -8.15 4.67
C MET A 421 -2.15 -8.69 5.90
N HIS A 422 -3.42 -9.06 5.74
CA HIS A 422 -4.26 -9.56 6.85
C HIS A 422 -3.68 -10.85 7.42
N TYR A 423 -3.29 -11.80 6.56
CA TYR A 423 -2.72 -13.07 7.01
C TYR A 423 -1.46 -12.86 7.85
N VAL A 424 -0.59 -11.91 7.49
CA VAL A 424 0.65 -11.69 8.29
C VAL A 424 0.23 -11.14 9.66
N ARG A 425 -0.67 -10.15 9.68
CA ARG A 425 -1.10 -9.57 10.98
C ARG A 425 -1.63 -10.68 11.89
N ALA A 426 -2.51 -11.55 11.38
CA ALA A 426 -3.24 -12.57 12.16
C ALA A 426 -2.26 -13.67 12.64
N ALA A 427 -1.28 -14.05 11.81
CA ALA A 427 -0.24 -15.06 12.15
C ALA A 427 0.69 -14.49 13.22
N GLU A 428 1.15 -13.25 13.06
CA GLU A 428 2.04 -12.64 14.07
C GLU A 428 1.25 -12.48 15.39
N MET A 429 -0.02 -12.11 15.32
CA MET A 429 -0.82 -11.83 16.56
C MET A 429 -1.15 -13.18 17.26
N LEU A 430 -1.71 -14.14 16.54
CA LEU A 430 -2.07 -15.47 17.12
C LEU A 430 -0.86 -16.19 17.73
N SER A 431 0.31 -16.10 17.12
CA SER A 431 1.55 -16.76 17.61
C SER A 431 2.21 -15.92 18.70
N ALA A 432 1.95 -14.62 18.79
CA ALA A 432 2.58 -13.73 19.79
C ALA A 432 2.20 -14.12 21.22
N TRP A 433 1.04 -14.74 21.44
CA TRP A 433 0.51 -15.01 22.82
C TRP A 433 1.47 -15.90 23.63
N HIS A 434 2.28 -16.72 22.94
CA HIS A 434 3.20 -17.69 23.56
C HIS A 434 4.60 -17.57 22.98
N SER A 435 5.55 -18.09 23.76
CA SER A 435 6.92 -18.46 23.33
CA SER A 435 6.91 -18.46 23.30
C SER A 435 6.81 -19.79 22.57
N TRP A 436 7.51 -19.95 21.47
CA TRP A 436 7.48 -21.25 20.74
C TRP A 436 8.87 -21.87 20.75
N ASP A 437 8.88 -23.18 20.85
CA ASP A 437 10.10 -24.01 20.69
C ASP A 437 10.58 -23.81 19.26
N GLY A 438 11.88 -23.70 19.06
CA GLY A 438 12.51 -23.53 17.73
C GLY A 438 12.08 -24.63 16.78
N MET A 439 11.72 -25.81 17.31
CA MET A 439 11.30 -26.97 16.48
C MET A 439 10.04 -26.60 15.69
N ALA A 440 9.23 -25.67 16.21
CA ALA A 440 7.95 -25.30 15.58
C ALA A 440 8.20 -24.53 14.28
N ARG A 441 9.37 -23.90 14.14
CA ARG A 441 9.71 -23.05 12.96
C ARG A 441 8.66 -21.90 12.79
N ILE A 442 8.14 -21.35 13.89
CA ILE A 442 7.25 -20.16 13.87
C ILE A 442 8.05 -18.95 13.35
N GLU A 443 9.19 -18.61 13.97
CA GLU A 443 10.01 -17.42 13.62
C GLU A 443 10.45 -17.51 12.16
N GLU A 444 10.78 -18.72 11.67
CA GLU A 444 11.23 -18.92 10.27
C GLU A 444 10.07 -18.62 9.30
N ARG A 445 8.89 -19.13 9.60
CA ARG A 445 7.70 -18.94 8.73
C ARG A 445 7.28 -17.45 8.70
N LEU A 446 7.28 -16.80 9.86
CA LEU A 446 6.86 -15.38 9.97
C LEU A 446 7.90 -14.51 9.22
N GLU A 447 9.20 -14.83 9.33
CA GLU A 447 10.26 -14.05 8.61
C GLU A 447 10.01 -14.16 7.11
N GLN A 448 9.72 -15.37 6.63
CA GLN A 448 9.49 -15.62 5.20
C GLN A 448 8.27 -14.80 4.78
N ALA A 449 7.19 -14.85 5.56
CA ALA A 449 5.92 -14.18 5.18
C ALA A 449 6.15 -12.66 5.17
N ARG A 450 6.81 -12.11 6.20
CA ARG A 450 7.09 -10.65 6.25
C ARG A 450 7.89 -10.24 5.02
N ARG A 451 8.85 -11.07 4.60
CA ARG A 451 9.81 -10.69 3.56
C ARG A 451 9.15 -10.73 2.18
N GLU A 452 8.32 -11.71 1.90
CA GLU A 452 7.62 -11.79 0.59
C GLU A 452 6.62 -10.63 0.46
N LEU A 453 5.84 -10.34 1.52
CA LEU A 453 4.90 -9.19 1.51
C LEU A 453 5.72 -7.90 1.40
N SER A 454 6.81 -7.75 2.14
CA SER A 454 7.68 -6.54 2.07
C SER A 454 8.21 -6.34 0.65
N LEU A 455 8.67 -7.41 0.01
CA LEU A 455 9.23 -7.34 -1.35
C LEU A 455 8.15 -6.83 -2.30
N PHE A 456 6.91 -7.30 -2.16
CA PHE A 456 5.82 -6.92 -3.08
C PHE A 456 5.47 -5.42 -2.96
N GLN A 457 5.90 -4.75 -1.88
CA GLN A 457 5.64 -3.29 -1.75
C GLN A 457 6.52 -2.48 -2.73
N HIS A 458 7.55 -3.10 -3.30
CA HIS A 458 8.41 -2.51 -4.34
C HIS A 458 7.54 -1.78 -5.36
N HIS A 459 8.07 -0.69 -5.90
CA HIS A 459 7.39 0.17 -6.90
C HIS A 459 7.33 -0.47 -8.30
N ASP A 460 7.77 -1.72 -8.49
CA ASP A 460 7.32 -2.53 -9.66
C ASP A 460 6.55 -3.81 -9.23
N GLY A 461 6.19 -3.93 -7.94
CA GLY A 461 5.44 -5.09 -7.44
C GLY A 461 3.95 -4.81 -7.47
N ILE A 462 3.48 -4.24 -6.38
CA ILE A 462 2.05 -3.90 -6.15
C ILE A 462 1.57 -2.99 -7.27
N THR A 463 2.43 -2.17 -7.85
CA THR A 463 2.15 -1.27 -9.00
C THR A 463 1.70 -2.02 -10.29
N GLY A 464 2.06 -3.29 -10.47
CA GLY A 464 1.71 -4.02 -11.71
C GLY A 464 2.53 -3.52 -12.88
N THR A 465 3.79 -3.14 -12.65
CA THR A 465 4.64 -2.53 -13.70
C THR A 465 5.83 -3.44 -14.05
N ALA A 466 5.81 -4.71 -13.66
CA ALA A 466 6.90 -5.67 -13.92
C ALA A 466 6.59 -6.58 -15.13
N LYS A 467 7.61 -7.24 -15.66
CA LYS A 467 7.43 -8.20 -16.79
C LYS A 467 6.61 -9.39 -16.28
N THR A 468 5.83 -10.01 -17.16
CA THR A 468 4.95 -11.18 -16.84
C THR A 468 5.66 -12.16 -15.92
N HIS A 469 6.89 -12.59 -16.24
CA HIS A 469 7.56 -13.66 -15.46
C HIS A 469 7.89 -13.16 -14.06
N VAL A 470 8.10 -11.85 -13.91
CA VAL A 470 8.44 -11.25 -12.58
C VAL A 470 7.16 -11.22 -11.73
N VAL A 471 6.04 -10.89 -12.32
CA VAL A 471 4.73 -10.94 -11.63
C VAL A 471 4.47 -12.37 -11.12
N VAL A 472 4.76 -13.37 -11.96
CA VAL A 472 4.65 -14.79 -11.55
C VAL A 472 5.54 -15.05 -10.35
N ASP A 473 6.79 -14.56 -10.34
CA ASP A 473 7.68 -14.74 -9.16
C ASP A 473 6.98 -14.10 -7.94
N TYR A 474 6.46 -12.90 -8.08
CA TYR A 474 5.84 -12.20 -6.90
C TYR A 474 4.69 -13.04 -6.35
N GLU A 475 3.85 -13.50 -7.27
CA GLU A 475 2.66 -14.32 -6.94
C GLU A 475 3.07 -15.58 -6.21
N GLN A 476 4.13 -16.29 -6.66
CA GLN A 476 4.54 -17.57 -6.04
C GLN A 476 5.14 -17.29 -4.67
N ARG A 477 5.91 -16.21 -4.53
CA ARG A 477 6.46 -15.81 -3.22
C ARG A 477 5.28 -15.49 -2.28
N MET A 478 4.24 -14.80 -2.76
CA MET A 478 3.10 -14.42 -1.88
C MET A 478 2.26 -15.67 -1.56
N GLN A 479 2.16 -16.60 -2.50
CA GLN A 479 1.43 -17.88 -2.28
C GLN A 479 2.10 -18.66 -1.14
N GLU A 480 3.44 -18.73 -1.11
CA GLU A 480 4.21 -19.44 -0.05
C GLU A 480 4.06 -18.69 1.27
N ALA A 481 4.08 -17.35 1.24
CA ALA A 481 3.91 -16.54 2.47
C ALA A 481 2.54 -16.89 3.07
N LEU A 482 1.52 -17.01 2.24
CA LEU A 482 0.12 -17.25 2.69
C LEU A 482 0.09 -18.63 3.35
N LYS A 483 0.80 -19.62 2.76
CA LYS A 483 0.80 -20.99 3.31
C LYS A 483 1.53 -20.97 4.66
N ALA A 484 2.62 -20.23 4.75
CA ALA A 484 3.38 -20.06 5.99
C ALA A 484 2.47 -19.44 7.06
N CYS A 485 1.70 -18.41 6.71
CA CYS A 485 0.80 -17.74 7.69
C CYS A 485 -0.24 -18.75 8.19
N GLN A 486 -0.83 -19.53 7.29
CA GLN A 486 -1.87 -20.54 7.63
C GLN A 486 -1.30 -21.53 8.65
N MET A 487 -0.06 -21.96 8.45
CA MET A 487 0.55 -23.00 9.30
C MET A 487 0.72 -22.40 10.70
N VAL A 488 1.21 -21.18 10.80
CA VAL A 488 1.42 -20.51 12.11
C VAL A 488 0.04 -20.36 12.78
N MET A 489 -0.96 -19.93 12.02
CA MET A 489 -2.28 -19.56 12.61
C MET A 489 -2.95 -20.83 13.17
N GLN A 490 -2.91 -21.93 12.44
CA GLN A 490 -3.64 -23.17 12.84
C GLN A 490 -2.94 -23.79 14.06
N GLN A 491 -1.60 -23.78 14.13
CA GLN A 491 -0.84 -24.26 15.30
C GLN A 491 -1.18 -23.37 16.49
N SER A 492 -1.32 -22.06 16.27
CA SER A 492 -1.61 -21.10 17.38
C SER A 492 -3.02 -21.34 17.97
N VAL A 493 -4.00 -21.50 17.10
CA VAL A 493 -5.41 -21.74 17.51
C VAL A 493 -5.49 -23.06 18.27
N TYR A 494 -4.82 -24.12 17.79
CA TYR A 494 -4.78 -25.42 18.52
C TYR A 494 -4.23 -25.22 19.95
N ARG A 495 -3.14 -24.46 20.12
CA ARG A 495 -2.52 -24.24 21.45
C ARG A 495 -3.39 -23.34 22.32
N LEU A 496 -4.04 -22.37 21.71
CA LEU A 496 -4.88 -21.40 22.47
C LEU A 496 -6.17 -22.07 22.95
N LEU A 497 -6.77 -23.01 22.20
CA LEU A 497 -8.09 -23.57 22.60
C LEU A 497 -7.99 -25.06 23.01
N THR A 498 -6.81 -25.60 23.37
CA THR A 498 -6.70 -27.01 23.84
C THR A 498 -6.26 -27.00 25.31
N LYS A 499 -7.00 -27.68 26.19
CA LYS A 499 -6.58 -27.83 27.62
C LYS A 499 -5.10 -28.12 27.66
N PRO A 500 -4.32 -27.41 28.50
CA PRO A 500 -2.90 -27.71 28.68
C PRO A 500 -2.63 -29.19 29.01
N SER A 501 -3.57 -29.88 29.68
CA SER A 501 -3.39 -31.28 30.12
C SER A 501 -3.30 -32.23 28.93
N ILE A 502 -3.87 -31.87 27.79
CA ILE A 502 -3.94 -32.68 26.53
C ILE A 502 -2.93 -32.16 25.49
N TYR A 503 -2.73 -30.84 25.45
CA TYR A 503 -1.93 -30.17 24.39
C TYR A 503 -0.57 -30.86 24.28
N SER A 504 -0.38 -31.62 23.22
CA SER A 504 0.84 -32.40 22.93
C SER A 504 1.17 -32.24 21.45
N PRO A 505 1.74 -31.08 21.04
CA PRO A 505 1.76 -30.72 19.63
C PRO A 505 2.68 -31.57 18.75
N ASP A 506 2.20 -31.95 17.58
CA ASP A 506 3.01 -32.27 16.37
C ASP A 506 3.12 -30.99 15.53
N PHE A 507 4.27 -30.31 15.59
CA PHE A 507 4.50 -29.01 14.89
C PHE A 507 4.48 -29.20 13.38
N SER A 508 4.40 -30.41 12.83
CA SER A 508 4.25 -30.60 11.36
C SER A 508 2.80 -30.86 10.96
N PHE A 509 1.89 -31.05 11.93
CA PHE A 509 0.49 -31.48 11.69
C PHE A 509 -0.41 -30.25 11.41
N SER A 510 -1.45 -30.47 10.58
CA SER A 510 -2.58 -29.55 10.31
C SER A 510 -3.77 -29.84 11.23
N TYR A 511 -3.83 -29.18 12.37
CA TYR A 511 -4.89 -29.31 13.39
C TYR A 511 -6.17 -28.66 12.86
N PHE A 512 -6.00 -27.59 12.07
CA PHE A 512 -7.10 -26.87 11.40
C PHE A 512 -6.70 -26.57 9.94
N THR A 513 -7.66 -26.52 9.03
CA THR A 513 -7.49 -25.88 7.72
C THR A 513 -8.25 -24.55 7.71
N LEU A 514 -7.62 -23.52 7.18
CA LEU A 514 -8.22 -22.17 6.97
C LEU A 514 -9.34 -22.30 5.96
N ASP A 515 -10.43 -21.55 6.14
CA ASP A 515 -11.50 -21.37 5.12
C ASP A 515 -11.66 -19.88 4.81
N ASP A 516 -11.49 -19.49 3.56
CA ASP A 516 -11.49 -18.06 3.15
C ASP A 516 -12.44 -17.94 1.96
N SER A 517 -13.57 -17.26 2.19
CA SER A 517 -14.67 -17.09 1.21
C SER A 517 -14.26 -16.07 0.15
N ARG A 518 -13.25 -15.24 0.40
CA ARG A 518 -13.03 -14.06 -0.50
C ARG A 518 -11.68 -14.11 -1.18
N TRP A 519 -10.82 -15.08 -0.86
CA TRP A 519 -9.57 -15.25 -1.61
C TRP A 519 -9.28 -16.74 -1.81
N PRO A 520 -9.04 -17.17 -3.06
CA PRO A 520 -9.13 -16.28 -4.24
C PRO A 520 -10.56 -15.98 -4.70
N GLY A 521 -11.57 -16.60 -4.07
CA GLY A 521 -12.96 -16.58 -4.53
C GLY A 521 -13.30 -17.89 -5.22
N SER A 522 -14.53 -18.40 -5.02
CA SER A 522 -14.93 -19.73 -5.54
C SER A 522 -15.05 -19.69 -7.07
N GLY A 523 -15.29 -18.51 -7.64
CA GLY A 523 -15.29 -18.30 -9.10
C GLY A 523 -13.88 -18.24 -9.69
N VAL A 524 -12.85 -18.11 -8.87
CA VAL A 524 -11.44 -17.95 -9.34
C VAL A 524 -10.71 -19.27 -9.10
N GLU A 525 -10.84 -19.83 -7.90
CA GLU A 525 -10.14 -21.07 -7.48
C GLU A 525 -11.12 -21.84 -6.57
N ASP A 526 -11.66 -22.94 -7.07
CA ASP A 526 -12.80 -23.64 -6.43
C ASP A 526 -12.22 -24.54 -5.34
N SER A 527 -11.53 -23.94 -4.37
CA SER A 527 -10.62 -24.65 -3.45
C SER A 527 -11.09 -24.55 -1.98
N ARG A 528 -12.38 -24.27 -1.72
CA ARG A 528 -12.93 -24.33 -0.33
C ARG A 528 -13.20 -25.79 0.02
N THR A 529 -12.84 -26.22 1.23
CA THR A 529 -13.08 -27.61 1.69
C THR A 529 -14.55 -27.73 2.08
N THR A 530 -15.25 -28.77 1.62
CA THR A 530 -16.63 -29.06 2.08
C THR A 530 -16.56 -29.84 3.39
N ILE A 531 -17.21 -29.34 4.44
CA ILE A 531 -17.30 -30.08 5.72
C ILE A 531 -18.24 -31.26 5.47
N ILE A 532 -17.74 -32.49 5.62
CA ILE A 532 -18.52 -33.72 5.29
C ILE A 532 -19.04 -34.33 6.58
N LEU A 533 -20.36 -34.25 6.77
CA LEU A 533 -21.09 -34.74 7.97
C LEU A 533 -21.91 -35.95 7.53
N GLY A 534 -22.26 -36.86 8.45
CA GLY A 534 -22.96 -38.14 8.12
C GLY A 534 -23.75 -38.69 9.30
N LEU A 538 -19.32 -39.45 11.02
CA LEU A 538 -18.89 -38.04 11.31
C LEU A 538 -20.11 -37.12 11.33
N PRO A 539 -20.79 -37.00 12.49
CA PRO A 539 -22.01 -36.17 12.61
C PRO A 539 -21.80 -34.66 12.86
N SER A 540 -20.78 -34.27 13.63
CA SER A 540 -20.48 -32.87 14.04
C SER A 540 -19.06 -32.45 13.64
N LYS A 541 -18.78 -31.14 13.65
CA LYS A 541 -17.49 -30.55 13.19
C LYS A 541 -17.28 -29.23 13.91
N HIS A 542 -16.12 -29.09 14.55
CA HIS A 542 -15.72 -27.88 15.30
C HIS A 542 -15.17 -26.87 14.28
N VAL A 543 -15.61 -25.61 14.36
CA VAL A 543 -15.02 -24.49 13.57
C VAL A 543 -14.67 -23.40 14.57
N VAL A 544 -13.62 -22.64 14.25
CA VAL A 544 -13.11 -21.55 15.14
C VAL A 544 -12.96 -20.29 14.31
N MET A 545 -13.44 -19.19 14.86
CA MET A 545 -13.26 -17.83 14.30
C MET A 545 -12.25 -17.08 15.15
N HIS A 546 -11.38 -16.33 14.48
CA HIS A 546 -10.39 -15.40 15.08
C HIS A 546 -10.80 -13.98 14.72
N ASN A 547 -10.65 -13.06 15.66
CA ASN A 547 -10.96 -11.62 15.51
C ASN A 547 -9.67 -10.86 15.87
N THR A 548 -8.91 -10.40 14.85
CA THR A 548 -7.63 -9.67 15.04
C THR A 548 -7.89 -8.26 15.59
N LEU A 549 -9.10 -7.72 15.44
CA LEU A 549 -9.44 -6.35 15.95
C LEU A 549 -9.65 -6.35 17.46
N PRO A 550 -9.22 -5.31 18.19
CA PRO A 550 -9.35 -5.27 19.66
C PRO A 550 -10.71 -4.74 20.18
N HIS A 551 -11.81 -5.18 19.57
CA HIS A 551 -13.18 -5.00 20.11
C HIS A 551 -14.02 -6.24 19.78
N TRP A 552 -15.10 -6.49 20.57
CA TRP A 552 -16.07 -7.58 20.29
C TRP A 552 -16.59 -7.39 18.86
N ARG A 553 -16.67 -8.45 18.09
CA ARG A 553 -17.21 -8.38 16.73
C ARG A 553 -18.24 -9.49 16.55
N GLU A 554 -19.34 -9.16 15.87
CA GLU A 554 -20.33 -10.12 15.35
C GLU A 554 -20.33 -9.95 13.83
N GLN A 555 -20.27 -11.05 13.11
CA GLN A 555 -20.15 -11.03 11.63
C GLN A 555 -20.75 -12.35 11.18
N LEU A 556 -21.53 -12.34 10.11
CA LEU A 556 -21.92 -13.58 9.44
C LEU A 556 -20.64 -14.26 8.90
N VAL A 557 -20.52 -15.57 9.16
CA VAL A 557 -19.51 -16.45 8.52
C VAL A 557 -20.25 -17.54 7.75
N ASP A 558 -19.64 -18.10 6.72
CA ASP A 558 -20.26 -19.20 5.95
C ASP A 558 -19.25 -20.35 5.88
N PHE A 559 -19.78 -21.57 5.79
CA PHE A 559 -18.98 -22.77 5.46
C PHE A 559 -19.70 -23.59 4.40
N TYR A 560 -18.92 -24.31 3.61
CA TYR A 560 -19.40 -25.33 2.67
C TYR A 560 -19.66 -26.59 3.49
N VAL A 561 -20.83 -27.21 3.33
CA VAL A 561 -21.25 -28.45 4.06
C VAL A 561 -21.87 -29.43 3.05
N SER A 562 -21.71 -30.74 3.32
CA SER A 562 -22.11 -31.89 2.45
C SER A 562 -23.63 -32.04 2.35
N SER A 563 -24.39 -31.37 3.23
CA SER A 563 -25.86 -31.52 3.41
C SER A 563 -26.53 -30.21 3.83
N PRO A 564 -27.76 -29.93 3.34
CA PRO A 564 -28.49 -28.74 3.74
C PRO A 564 -29.14 -28.84 5.13
N PHE A 565 -29.18 -30.04 5.72
CA PHE A 565 -29.79 -30.29 7.04
C PHE A 565 -28.71 -30.17 8.12
N VAL A 566 -28.27 -28.92 8.38
CA VAL A 566 -27.24 -28.65 9.42
C VAL A 566 -27.73 -27.58 10.38
N SER A 567 -27.39 -27.72 11.65
CA SER A 567 -27.67 -26.68 12.66
C SER A 567 -26.38 -26.34 13.40
N VAL A 568 -26.39 -25.19 14.07
CA VAL A 568 -25.19 -24.56 14.65
C VAL A 568 -25.40 -24.41 16.15
N THR A 569 -24.37 -24.73 16.91
CA THR A 569 -24.31 -24.53 18.37
C THR A 569 -22.96 -23.89 18.70
N ASP A 570 -22.85 -23.25 19.86
CA ASP A 570 -21.54 -22.95 20.50
C ASP A 570 -21.09 -24.24 21.16
N LEU A 571 -19.97 -24.23 21.88
CA LEU A 571 -19.44 -25.44 22.55
C LEU A 571 -20.29 -25.80 23.78
N ALA A 572 -21.03 -24.84 24.37
CA ALA A 572 -21.89 -25.09 25.55
C ALA A 572 -23.26 -25.59 25.06
N ASN A 573 -23.37 -25.85 23.76
CA ASN A 573 -24.55 -26.48 23.10
C ASN A 573 -25.74 -25.50 22.97
N ASN A 574 -25.54 -24.18 23.10
CA ASN A 574 -26.59 -23.16 22.80
C ASN A 574 -26.84 -23.11 21.30
N PRO A 575 -28.11 -23.15 20.83
CA PRO A 575 -28.37 -23.09 19.40
C PRO A 575 -28.02 -21.69 18.88
N VAL A 576 -27.69 -21.61 17.61
CA VAL A 576 -27.32 -20.35 16.93
C VAL A 576 -28.18 -20.32 15.68
N GLU A 577 -28.92 -19.24 15.44
CA GLU A 577 -29.71 -19.16 14.21
C GLU A 577 -28.77 -19.22 13.00
N ALA A 578 -29.18 -19.91 11.94
CA ALA A 578 -28.38 -20.11 10.73
C ALA A 578 -29.29 -20.11 9.52
N GLN A 579 -28.68 -19.96 8.36
CA GLN A 579 -29.37 -19.98 7.06
C GLN A 579 -28.56 -20.88 6.15
N VAL A 580 -29.23 -21.59 5.26
CA VAL A 580 -28.60 -22.43 4.22
C VAL A 580 -29.00 -21.83 2.89
N SER A 581 -27.99 -21.59 2.06
CA SER A 581 -28.13 -21.17 0.65
C SER A 581 -27.48 -22.25 -0.20
N PRO A 582 -27.88 -22.34 -1.48
CA PRO A 582 -27.18 -23.16 -2.44
C PRO A 582 -25.79 -22.58 -2.75
N VAL A 583 -24.91 -23.40 -3.30
CA VAL A 583 -23.63 -22.97 -3.92
C VAL A 583 -23.91 -22.76 -5.41
N TRP A 584 -23.61 -21.56 -5.90
CA TRP A 584 -23.84 -21.09 -7.28
C TRP A 584 -22.51 -20.79 -7.97
N SER A 585 -22.39 -21.11 -9.26
CA SER A 585 -21.24 -20.79 -10.12
C SER A 585 -21.78 -20.31 -11.47
N TRP A 586 -21.04 -19.45 -12.15
CA TRP A 586 -21.45 -18.88 -13.45
C TRP A 586 -20.61 -19.51 -14.56
N HIS A 587 -21.19 -19.59 -15.77
CA HIS A 587 -20.64 -20.30 -16.96
C HIS A 587 -21.01 -19.53 -18.22
N HIS A 588 -20.06 -19.44 -19.17
CA HIS A 588 -20.17 -18.66 -20.43
C HIS A 588 -21.05 -19.43 -21.43
N THR A 594 -24.03 -16.44 -23.68
CA THR A 594 -24.87 -16.60 -22.45
C THR A 594 -23.99 -16.79 -21.22
N ILE A 595 -24.29 -16.05 -20.14
CA ILE A 595 -23.63 -16.24 -18.81
C ILE A 595 -24.73 -16.60 -17.80
N HIS A 596 -24.73 -17.86 -17.38
CA HIS A 596 -25.85 -18.52 -16.65
C HIS A 596 -25.29 -19.14 -15.37
N PRO A 597 -26.05 -19.06 -14.25
CA PRO A 597 -25.67 -19.76 -13.03
C PRO A 597 -26.02 -21.25 -13.11
N GLN A 598 -25.36 -22.06 -12.28
CA GLN A 598 -25.70 -23.48 -12.10
C GLN A 598 -25.47 -23.76 -10.61
N GLY A 599 -26.42 -24.44 -9.98
CA GLY A 599 -26.40 -24.79 -8.54
C GLY A 599 -25.63 -26.06 -8.32
N SER A 600 -25.17 -26.30 -7.09
CA SER A 600 -24.57 -27.59 -6.66
C SER A 600 -25.68 -28.50 -6.12
N THR A 601 -25.61 -29.79 -6.43
CA THR A 601 -26.54 -30.83 -5.94
C THR A 601 -25.91 -31.49 -4.71
N THR A 602 -24.66 -31.11 -4.41
CA THR A 602 -23.71 -31.86 -3.56
C THR A 602 -23.36 -31.04 -2.31
N LYS A 603 -23.10 -29.74 -2.43
CA LYS A 603 -22.63 -28.90 -1.29
C LYS A 603 -23.51 -27.65 -1.10
N TYR A 604 -23.50 -27.10 0.12
CA TYR A 604 -24.41 -26.01 0.54
C TYR A 604 -23.65 -25.05 1.45
N ARG A 605 -24.06 -23.77 1.48
CA ARG A 605 -23.51 -22.79 2.45
C ARG A 605 -24.35 -22.75 3.73
N ILE A 606 -23.71 -22.96 4.88
CA ILE A 606 -24.28 -22.68 6.22
C ILE A 606 -23.71 -21.33 6.65
N ILE A 607 -24.61 -20.43 7.02
CA ILE A 607 -24.34 -18.99 7.27
C ILE A 607 -24.85 -18.73 8.68
N PHE A 608 -24.03 -18.17 9.55
CA PHE A 608 -24.44 -17.84 10.92
C PHE A 608 -23.58 -16.73 11.47
N LYS A 609 -24.02 -16.16 12.58
CA LYS A 609 -23.41 -14.97 13.19
C LYS A 609 -22.48 -15.49 14.26
N ALA A 610 -21.17 -15.26 14.07
CA ALA A 610 -20.13 -15.56 15.06
C ALA A 610 -19.90 -14.32 15.91
N ARG A 611 -19.82 -14.50 17.22
CA ARG A 611 -19.49 -13.45 18.20
C ARG A 611 -18.10 -13.77 18.75
N VAL A 612 -17.11 -12.91 18.52
CA VAL A 612 -15.70 -13.22 18.84
C VAL A 612 -15.12 -12.12 19.71
N PRO A 613 -14.44 -12.48 20.82
CA PRO A 613 -13.83 -11.48 21.67
C PRO A 613 -12.78 -10.64 20.94
N PRO A 614 -12.37 -9.51 21.55
CA PRO A 614 -11.27 -8.69 21.06
C PRO A 614 -9.98 -9.53 21.01
N MET A 615 -9.33 -9.57 19.85
CA MET A 615 -8.04 -10.26 19.66
C MET A 615 -8.20 -11.72 20.17
N GLY A 616 -9.36 -12.31 19.87
CA GLY A 616 -9.71 -13.61 20.47
C GLY A 616 -10.28 -14.63 19.51
N LEU A 617 -10.79 -15.69 20.11
CA LEU A 617 -11.27 -16.89 19.40
C LEU A 617 -12.61 -17.36 19.99
N ALA A 618 -13.47 -17.83 19.11
CA ALA A 618 -14.81 -18.40 19.42
C ALA A 618 -15.00 -19.70 18.64
N THR A 619 -15.39 -20.75 19.35
CA THR A 619 -15.59 -22.11 18.79
C THR A 619 -17.10 -22.35 18.60
N TYR A 620 -17.51 -22.81 17.42
CA TYR A 620 -18.88 -23.26 17.08
C TYR A 620 -18.85 -24.70 16.57
N VAL A 621 -20.03 -25.33 16.49
CA VAL A 621 -20.22 -26.76 16.10
C VAL A 621 -21.32 -26.83 15.04
N LEU A 622 -21.00 -27.44 13.91
CA LEU A 622 -21.93 -27.82 12.84
C LEU A 622 -22.32 -29.29 13.05
N THR A 623 -23.62 -29.59 13.13
CA THR A 623 -24.20 -30.93 13.45
C THR A 623 -25.27 -31.26 12.41
N ILE A 624 -25.15 -32.42 11.73
CA ILE A 624 -26.13 -32.87 10.70
C ILE A 624 -27.38 -33.40 11.41
N SER A 625 -28.49 -33.51 10.68
CA SER A 625 -29.75 -34.12 11.16
C SER A 625 -30.49 -34.79 10.00
N ASP A 626 -31.55 -35.53 10.37
CA ASP A 626 -32.42 -36.35 9.49
C ASP A 626 -33.13 -35.41 8.50
N SER A 627 -33.62 -34.28 9.01
CA SER A 627 -34.49 -33.30 8.29
C SER A 627 -34.29 -31.87 8.81
N LYS A 628 -34.97 -30.90 8.19
CA LYS A 628 -34.89 -29.45 8.49
C LYS A 628 -34.79 -29.24 10.00
N PRO A 629 -33.66 -28.69 10.53
CA PRO A 629 -33.54 -28.42 11.96
C PRO A 629 -34.33 -27.18 12.39
N GLU A 630 -34.53 -27.03 13.69
CA GLU A 630 -35.38 -25.98 14.28
C GLU A 630 -34.75 -24.59 14.04
N HIS A 631 -33.43 -24.45 14.12
CA HIS A 631 -32.81 -23.10 14.21
C HIS A 631 -32.13 -22.68 12.91
N THR A 632 -32.46 -23.32 11.79
CA THR A 632 -31.78 -23.12 10.50
C THR A 632 -32.87 -22.88 9.44
N SER A 633 -32.78 -21.79 8.67
CA SER A 633 -33.73 -21.41 7.60
C SER A 633 -33.08 -21.65 6.23
N TYR A 634 -33.89 -21.63 5.18
CA TYR A 634 -33.56 -22.01 3.79
C TYR A 634 -33.93 -20.85 2.87
N ALA A 635 -32.93 -20.31 2.16
CA ALA A 635 -33.13 -19.15 1.26
C ALA A 635 -33.97 -19.63 0.08
N SER A 636 -34.82 -18.75 -0.44
CA SER A 636 -35.45 -18.90 -1.77
C SER A 636 -34.48 -18.39 -2.82
N ASN A 637 -34.70 -18.84 -4.04
CA ASN A 637 -33.84 -18.55 -5.21
C ASN A 637 -34.78 -18.27 -6.37
N LEU A 638 -34.62 -17.12 -7.00
CA LEU A 638 -35.41 -16.73 -8.18
C LEU A 638 -34.43 -16.49 -9.34
N LEU A 639 -34.65 -17.14 -10.49
CA LEU A 639 -33.82 -16.99 -11.72
C LEU A 639 -34.59 -16.23 -12.80
N LEU A 640 -34.10 -15.04 -13.22
CA LEU A 640 -34.81 -14.10 -14.12
C LEU A 640 -34.12 -14.05 -15.49
N ARG A 641 -34.85 -14.36 -16.57
CA ARG A 641 -34.30 -14.40 -17.97
C ARG A 641 -35.44 -14.44 -19.00
N PRO A 644 -36.15 -19.46 -19.94
CA PRO A 644 -35.79 -20.26 -18.75
C PRO A 644 -35.43 -21.72 -19.08
N THR A 645 -34.84 -22.45 -18.13
CA THR A 645 -34.67 -23.94 -18.15
C THR A 645 -35.11 -24.46 -16.76
N SER A 646 -34.35 -25.35 -16.09
CA SER A 646 -34.67 -25.82 -14.71
C SER A 646 -33.40 -26.27 -13.96
N LEU A 647 -33.27 -25.87 -12.68
CA LEU A 647 -32.02 -25.97 -11.87
C LEU A 647 -32.27 -26.81 -10.62
N PRO A 648 -32.15 -28.16 -10.71
CA PRO A 648 -32.15 -29.00 -9.51
C PRO A 648 -31.03 -28.56 -8.55
N LEU A 649 -31.24 -28.72 -7.24
CA LEU A 649 -30.27 -28.40 -6.15
C LEU A 649 -30.12 -29.58 -5.18
N GLY A 650 -30.31 -30.83 -5.65
CA GLY A 650 -30.22 -32.06 -4.84
C GLY A 650 -31.14 -32.01 -3.62
N GLN A 651 -30.56 -32.13 -2.41
CA GLN A 651 -31.29 -32.20 -1.12
C GLN A 651 -31.87 -30.83 -0.69
N TYR A 652 -31.53 -29.71 -1.37
CA TYR A 652 -31.96 -28.33 -0.96
C TYR A 652 -33.48 -28.27 -0.91
N PRO A 653 -34.10 -28.01 0.27
CA PRO A 653 -35.55 -28.17 0.47
C PRO A 653 -36.53 -27.29 -0.33
N GLU A 654 -36.05 -26.21 -0.97
CA GLU A 654 -36.88 -25.14 -1.60
C GLU A 654 -36.60 -25.07 -3.11
N ASP A 655 -37.61 -25.31 -3.94
CA ASP A 655 -37.42 -25.31 -5.41
C ASP A 655 -37.09 -23.91 -5.89
N VAL A 656 -36.27 -23.84 -6.93
CA VAL A 656 -35.87 -22.58 -7.63
C VAL A 656 -37.07 -22.06 -8.43
N LYS A 657 -37.38 -20.78 -8.27
CA LYS A 657 -38.45 -20.06 -9.00
C LYS A 657 -37.85 -19.38 -10.23
N PHE A 658 -38.64 -19.28 -11.30
CA PHE A 658 -38.30 -18.60 -12.58
C PHE A 658 -39.30 -17.46 -12.82
N GLY A 659 -38.86 -16.47 -13.59
CA GLY A 659 -39.64 -15.28 -13.94
C GLY A 659 -38.98 -14.53 -15.07
N ASP A 660 -39.71 -13.66 -15.74
CA ASP A 660 -39.11 -12.76 -16.76
C ASP A 660 -38.38 -11.65 -15.99
N PRO A 661 -37.26 -11.11 -16.55
CA PRO A 661 -36.62 -9.92 -16.01
C PRO A 661 -37.66 -8.93 -15.49
N ARG A 662 -37.50 -8.48 -14.25
CA ARG A 662 -38.28 -7.37 -13.65
C ARG A 662 -37.40 -6.66 -12.62
N GLU A 663 -37.77 -5.42 -12.26
CA GLU A 663 -37.15 -4.68 -11.13
C GLU A 663 -37.42 -5.47 -9.86
N ILE A 664 -36.53 -5.42 -8.88
CA ILE A 664 -36.72 -6.15 -7.60
C ILE A 664 -36.18 -5.32 -6.44
N SER A 665 -36.76 -5.53 -5.29
CA SER A 665 -36.47 -4.79 -4.04
C SER A 665 -36.22 -5.86 -2.97
N LEU A 666 -35.26 -5.63 -2.07
CA LEU A 666 -34.89 -6.58 -0.99
C LEU A 666 -34.55 -5.78 0.26
N ARG A 667 -34.92 -6.28 1.43
CA ARG A 667 -34.44 -5.79 2.74
C ARG A 667 -34.00 -7.00 3.54
N VAL A 668 -32.83 -6.94 4.17
CA VAL A 668 -32.42 -7.95 5.17
C VAL A 668 -32.50 -7.25 6.52
N GLY A 669 -33.05 -7.94 7.53
CA GLY A 669 -33.23 -7.42 8.89
C GLY A 669 -33.81 -6.03 8.89
N ASN A 670 -33.24 -5.17 9.72
CA ASN A 670 -33.69 -3.78 10.02
C ASN A 670 -32.97 -2.81 9.09
N GLY A 671 -32.28 -3.32 8.07
CA GLY A 671 -31.19 -2.61 7.35
C GLY A 671 -31.79 -1.88 6.15
N PRO A 672 -30.95 -1.32 5.25
CA PRO A 672 -31.49 -0.62 4.09
C PRO A 672 -32.34 -1.54 3.20
N THR A 673 -33.24 -0.94 2.44
CA THR A 673 -34.00 -1.60 1.35
C THR A 673 -33.32 -1.17 0.06
N LEU A 674 -32.91 -2.12 -0.78
CA LEU A 674 -32.24 -1.80 -2.07
C LEU A 674 -33.15 -2.22 -3.21
N ALA A 675 -33.23 -1.38 -4.23
CA ALA A 675 -33.97 -1.66 -5.47
C ALA A 675 -32.97 -1.83 -6.62
N PHE A 676 -33.22 -2.80 -7.47
CA PHE A 676 -32.36 -3.26 -8.57
C PHE A 676 -33.11 -3.12 -9.88
N SER A 677 -32.40 -2.73 -10.95
CA SER A 677 -32.92 -2.69 -12.32
C SER A 677 -33.24 -4.12 -12.76
N GLU A 678 -33.79 -4.27 -13.97
CA GLU A 678 -34.08 -5.60 -14.55
C GLU A 678 -32.79 -6.21 -15.12
N GLN A 679 -31.71 -5.43 -15.19
CA GLN A 679 -30.35 -5.97 -15.45
C GLN A 679 -29.68 -6.35 -14.12
N GLY A 680 -30.35 -6.19 -12.97
CA GLY A 680 -29.85 -6.62 -11.64
C GLY A 680 -28.78 -5.70 -11.05
N LEU A 681 -28.69 -4.45 -11.50
CA LEU A 681 -27.74 -3.43 -11.01
C LEU A 681 -28.52 -2.52 -10.05
N LEU A 682 -27.94 -2.13 -8.92
CA LEU A 682 -28.58 -1.24 -7.91
C LEU A 682 -29.15 0.00 -8.63
N LYS A 683 -30.27 0.52 -8.14
CA LYS A 683 -30.86 1.78 -8.68
C LYS A 683 -31.28 2.71 -7.53
N SER A 684 -31.51 2.21 -6.33
CA SER A 684 -31.92 3.07 -5.20
C SER A 684 -31.61 2.39 -3.88
N ILE A 685 -31.39 3.19 -2.84
CA ILE A 685 -31.21 2.74 -1.45
C ILE A 685 -32.20 3.53 -0.59
N GLN A 686 -33.09 2.83 0.12
CA GLN A 686 -33.89 3.46 1.20
C GLN A 686 -33.23 3.06 2.51
N LEU A 687 -32.74 4.03 3.27
CA LEU A 687 -31.97 3.78 4.50
C LEU A 687 -32.89 3.18 5.56
N THR A 688 -33.99 3.86 5.87
CA THR A 688 -34.97 3.47 6.92
C THR A 688 -36.37 3.36 6.32
N GLN A 689 -37.31 2.83 7.10
CA GLN A 689 -38.72 2.56 6.70
C GLN A 689 -39.35 3.85 6.16
N ASP A 690 -39.19 4.95 6.90
CA ASP A 690 -39.93 6.22 6.66
C ASP A 690 -39.00 7.25 5.97
N SER A 691 -38.09 6.80 5.09
CA SER A 691 -37.07 7.65 4.41
C SER A 691 -37.24 7.50 2.90
N PRO A 692 -36.74 8.46 2.09
CA PRO A 692 -36.82 8.36 0.63
C PRO A 692 -35.98 7.23 0.00
N HIS A 693 -36.46 6.68 -1.12
CA HIS A 693 -35.68 5.80 -2.04
C HIS A 693 -34.67 6.69 -2.78
N VAL A 694 -33.45 6.81 -2.24
CA VAL A 694 -32.37 7.69 -2.79
C VAL A 694 -31.76 7.03 -4.03
N PRO A 695 -31.74 7.71 -5.20
CA PRO A 695 -31.16 7.11 -6.42
C PRO A 695 -29.66 6.88 -6.25
N VAL A 696 -29.24 5.66 -6.59
CA VAL A 696 -27.84 5.18 -6.55
C VAL A 696 -27.76 4.07 -7.60
N HIS A 697 -27.17 4.36 -8.76
CA HIS A 697 -27.16 3.48 -9.94
C HIS A 697 -25.73 2.97 -10.14
N PHE A 698 -25.55 1.66 -10.25
CA PHE A 698 -24.28 1.02 -10.68
C PHE A 698 -24.31 0.91 -12.20
N LYS A 699 -23.22 1.28 -12.85
CA LYS A 699 -23.06 1.14 -14.32
C LYS A 699 -21.63 0.73 -14.61
N PHE A 700 -21.44 -0.14 -15.60
CA PHE A 700 -20.14 -0.63 -16.10
C PHE A 700 -19.91 0.03 -17.48
N LEU A 701 -18.72 0.62 -17.63
CA LEU A 701 -18.30 1.29 -18.88
C LEU A 701 -16.89 0.83 -19.25
N LYS A 702 -16.42 1.20 -20.45
CA LYS A 702 -15.12 0.78 -21.00
C LYS A 702 -14.40 1.99 -21.60
N TYR A 703 -13.11 2.15 -21.28
CA TYR A 703 -12.20 3.13 -21.90
C TYR A 703 -11.42 2.38 -22.96
N GLY A 704 -11.03 3.06 -24.02
CA GLY A 704 -10.12 2.53 -25.06
C GLY A 704 -8.77 3.23 -25.05
N VAL A 705 -7.98 2.93 -26.08
CA VAL A 705 -6.56 3.31 -26.30
C VAL A 705 -6.55 4.18 -27.56
N ARG A 706 -5.64 5.17 -27.64
CA ARG A 706 -5.62 6.13 -28.77
C ARG A 706 -5.10 5.41 -30.00
N SER A 707 -5.76 5.63 -31.14
CA SER A 707 -5.28 5.20 -32.47
C SER A 707 -4.06 6.05 -32.85
N HIS A 708 -4.08 7.33 -32.49
CA HIS A 708 -3.05 8.33 -32.86
C HIS A 708 -2.42 8.93 -31.60
N GLY A 709 -1.10 9.04 -31.58
CA GLY A 709 -0.37 9.54 -30.40
C GLY A 709 -0.30 8.49 -29.30
N ASP A 710 -0.17 8.92 -28.04
CA ASP A 710 0.48 8.08 -26.99
C ASP A 710 -0.50 6.98 -26.55
N ARG A 711 -0.01 5.75 -26.45
CA ARG A 711 -0.80 4.56 -26.04
C ARG A 711 -0.66 4.34 -24.53
N SER A 712 -1.80 4.09 -23.87
CA SER A 712 -1.87 3.50 -22.50
C SER A 712 -0.99 2.24 -22.41
N GLY A 713 -0.40 2.02 -21.24
CA GLY A 713 0.44 0.87 -20.90
C GLY A 713 0.32 0.58 -19.41
N ALA A 714 1.22 -0.19 -18.83
CA ALA A 714 1.17 -0.56 -17.40
C ALA A 714 1.16 0.70 -16.53
N TYR A 715 1.85 1.77 -16.96
CA TYR A 715 2.00 3.01 -16.15
C TYR A 715 0.93 4.02 -16.52
N LEU A 716 0.78 4.28 -17.82
CA LEU A 716 0.04 5.45 -18.36
C LEU A 716 -1.42 5.09 -18.63
N PHE A 717 -2.30 5.98 -18.20
CA PHE A 717 -3.73 5.98 -18.56
C PHE A 717 -3.98 7.07 -19.61
N LEU A 718 -4.13 6.69 -20.89
CA LEU A 718 -4.28 7.66 -22.00
C LEU A 718 -5.56 7.32 -22.78
N PRO A 719 -6.73 7.57 -22.15
CA PRO A 719 -8.02 7.22 -22.74
C PRO A 719 -8.30 7.98 -24.04
N ASN A 720 -8.99 7.32 -24.98
CA ASN A 720 -9.51 7.93 -26.25
C ASN A 720 -10.94 8.41 -26.01
N GLY A 721 -11.11 9.42 -25.15
CA GLY A 721 -12.41 10.04 -24.82
C GLY A 721 -13.07 9.39 -23.62
N PRO A 722 -14.23 9.91 -23.18
CA PRO A 722 -14.98 9.29 -22.09
C PRO A 722 -15.36 7.84 -22.36
N ALA A 723 -15.62 7.12 -21.26
CA ALA A 723 -15.96 5.68 -21.25
C ALA A 723 -17.31 5.54 -21.95
N SER A 724 -17.50 4.47 -22.72
CA SER A 724 -18.80 4.13 -23.36
C SER A 724 -19.42 2.96 -22.61
N PRO A 725 -20.76 2.95 -22.49
CA PRO A 725 -21.47 1.89 -21.77
C PRO A 725 -21.06 0.51 -22.28
N VAL A 726 -20.94 -0.50 -21.40
CA VAL A 726 -20.85 -1.93 -21.79
C VAL A 726 -22.26 -2.33 -22.27
N GLU A 727 -22.33 -3.15 -23.32
CA GLU A 727 -23.60 -3.70 -23.83
C GLU A 727 -23.91 -4.89 -22.93
N LEU A 728 -24.96 -4.80 -22.13
CA LEU A 728 -25.28 -5.85 -21.13
C LEU A 728 -26.01 -7.01 -21.83
N GLY A 729 -26.66 -6.73 -22.96
CA GLY A 729 -27.60 -7.65 -23.61
C GLY A 729 -28.83 -7.76 -22.73
N GLN A 730 -29.49 -8.93 -22.74
CA GLN A 730 -30.54 -9.27 -21.75
C GLN A 730 -29.89 -10.30 -20.83
N PRO A 731 -29.37 -9.87 -19.66
CA PRO A 731 -28.53 -10.73 -18.84
C PRO A 731 -29.38 -11.59 -17.88
N VAL A 732 -28.82 -12.68 -17.40
CA VAL A 732 -29.49 -13.55 -16.39
C VAL A 732 -29.21 -13.02 -14.98
N VAL A 733 -30.27 -12.86 -14.18
CA VAL A 733 -30.22 -12.32 -12.78
C VAL A 733 -30.66 -13.39 -11.78
N LEU A 734 -29.78 -13.78 -10.85
CA LEU A 734 -30.07 -14.74 -9.75
C LEU A 734 -30.32 -13.97 -8.45
N VAL A 735 -31.49 -14.18 -7.84
CA VAL A 735 -31.93 -13.50 -6.58
C VAL A 735 -32.06 -14.56 -5.50
N THR A 736 -31.20 -14.50 -4.49
CA THR A 736 -31.24 -15.39 -3.32
C THR A 736 -31.72 -14.53 -2.16
N LYS A 737 -32.87 -14.90 -1.59
CA LYS A 737 -33.51 -14.16 -0.48
C LYS A 737 -33.48 -15.04 0.76
N GLY A 738 -32.79 -14.56 1.78
CA GLY A 738 -32.66 -15.27 3.06
C GLY A 738 -32.92 -14.31 4.20
N LYS A 739 -33.17 -14.89 5.37
CA LYS A 739 -33.42 -14.19 6.63
C LYS A 739 -32.15 -13.46 7.07
N LEU A 740 -30.97 -14.04 6.82
CA LEU A 740 -29.68 -13.50 7.34
C LEU A 740 -28.91 -12.85 6.21
N GLU A 741 -29.10 -13.34 4.99
CA GLU A 741 -28.29 -12.89 3.83
C GLU A 741 -29.12 -13.04 2.58
N SER A 742 -29.16 -12.00 1.76
CA SER A 742 -29.74 -12.02 0.41
C SER A 742 -28.73 -11.46 -0.58
N SER A 743 -28.91 -11.74 -1.86
CA SER A 743 -28.02 -11.19 -2.90
C SER A 743 -28.69 -11.23 -4.27
N VAL A 744 -28.27 -10.28 -5.10
CA VAL A 744 -28.57 -10.14 -6.54
C VAL A 744 -27.23 -10.28 -7.28
N SER A 745 -27.09 -11.36 -8.04
CA SER A 745 -25.93 -11.62 -8.93
C SER A 745 -26.43 -11.53 -10.37
N VAL A 746 -25.59 -10.97 -11.25
CA VAL A 746 -25.89 -10.85 -12.70
C VAL A 746 -24.63 -11.17 -13.51
N GLY A 747 -24.80 -11.95 -14.57
CA GLY A 747 -23.73 -12.37 -15.49
C GLY A 747 -23.60 -11.37 -16.62
N LEU A 748 -22.70 -10.40 -16.46
CA LEU A 748 -22.43 -9.41 -17.54
C LEU A 748 -21.15 -9.79 -18.25
N PRO A 749 -20.96 -9.27 -19.49
CA PRO A 749 -19.69 -9.42 -20.18
C PRO A 749 -18.57 -8.94 -19.25
N SER A 750 -17.59 -9.82 -19.01
CA SER A 750 -16.33 -9.51 -18.28
C SER A 750 -16.54 -9.46 -16.77
N VAL A 751 -17.79 -9.37 -16.29
CA VAL A 751 -18.07 -9.17 -14.82
C VAL A 751 -19.29 -9.99 -14.36
N VAL A 752 -19.08 -10.92 -13.43
CA VAL A 752 -20.19 -11.40 -12.56
C VAL A 752 -20.25 -10.44 -11.37
N HIS A 753 -21.27 -9.58 -11.38
CA HIS A 753 -21.53 -8.50 -10.40
C HIS A 753 -22.54 -8.99 -9.36
N GLN A 754 -22.22 -8.85 -8.09
CA GLN A 754 -23.06 -9.41 -7.00
C GLN A 754 -23.24 -8.31 -5.94
N THR A 755 -24.48 -8.13 -5.48
CA THR A 755 -24.81 -7.23 -4.35
C THR A 755 -25.30 -8.10 -3.19
N ILE A 756 -24.59 -8.12 -2.08
CA ILE A 756 -24.92 -9.01 -0.95
C ILE A 756 -25.38 -8.12 0.20
N MET A 757 -26.40 -8.57 0.91
CA MET A 757 -27.10 -7.80 1.96
C MET A 757 -27.15 -8.66 3.22
N ARG A 758 -26.63 -8.14 4.31
CA ARG A 758 -26.59 -8.86 5.59
C ARG A 758 -27.21 -8.01 6.68
N GLY A 759 -27.84 -6.90 6.31
CA GLY A 759 -28.52 -6.08 7.33
C GLY A 759 -27.87 -4.74 7.54
N GLY A 760 -26.69 -4.50 6.97
CA GLY A 760 -26.15 -3.12 6.97
C GLY A 760 -25.78 -2.70 5.58
N ALA A 761 -24.70 -1.93 5.46
CA ALA A 761 -24.15 -1.51 4.16
C ALA A 761 -23.99 -2.76 3.31
N PRO A 762 -24.52 -2.79 2.08
CA PRO A 762 -24.29 -3.90 1.18
C PRO A 762 -22.80 -4.10 0.85
N GLU A 763 -22.49 -5.34 0.49
CA GLU A 763 -21.19 -5.76 -0.05
C GLU A 763 -21.36 -5.99 -1.54
N ILE A 764 -20.45 -5.42 -2.33
CA ILE A 764 -20.36 -5.67 -3.79
C ILE A 764 -19.17 -6.58 -4.05
N ARG A 765 -19.39 -7.60 -4.86
CA ARG A 765 -18.33 -8.49 -5.40
C ARG A 765 -18.43 -8.48 -6.91
N ASN A 766 -17.32 -8.21 -7.59
CA ASN A 766 -17.14 -8.32 -9.05
C ASN A 766 -16.12 -9.42 -9.33
N LEU A 767 -16.56 -10.47 -10.02
CA LEU A 767 -15.64 -11.46 -10.63
C LEU A 767 -15.29 -10.94 -12.02
N VAL A 768 -14.08 -10.39 -12.12
CA VAL A 768 -13.69 -9.60 -13.33
C VAL A 768 -12.80 -10.49 -14.21
N ASP A 769 -13.30 -10.82 -15.40
CA ASP A 769 -12.53 -11.59 -16.40
C ASP A 769 -12.57 -10.83 -17.72
N ILE A 770 -11.64 -9.87 -17.89
CA ILE A 770 -11.53 -9.01 -19.09
C ILE A 770 -11.20 -9.87 -20.33
N GLY A 771 -10.93 -11.18 -20.14
CA GLY A 771 -10.68 -12.14 -21.22
C GLY A 771 -9.65 -11.62 -22.20
N SER A 772 -10.01 -11.51 -23.48
CA SER A 772 -9.05 -11.08 -24.53
C SER A 772 -9.53 -9.79 -25.19
N LEU A 773 -10.30 -8.97 -24.45
CA LEU A 773 -10.69 -7.60 -24.87
C LEU A 773 -9.46 -6.68 -24.85
N ASP A 774 -8.57 -6.82 -25.83
CA ASP A 774 -7.34 -6.00 -26.01
C ASP A 774 -7.69 -4.52 -25.97
N ASN A 775 -6.75 -3.70 -25.48
CA ASN A 775 -6.85 -2.22 -25.37
C ASN A 775 -8.20 -1.81 -24.81
N THR A 776 -8.58 -2.38 -23.66
CA THR A 776 -9.84 -2.04 -22.94
C THR A 776 -9.54 -1.87 -21.44
N GLU A 777 -10.23 -0.93 -20.80
CA GLU A 777 -10.19 -0.69 -19.34
C GLU A 777 -11.63 -0.67 -18.86
N ILE A 778 -12.01 -1.59 -17.99
CA ILE A 778 -13.40 -1.74 -17.50
C ILE A 778 -13.52 -0.92 -16.21
N VAL A 779 -14.45 0.03 -16.20
CA VAL A 779 -14.73 0.90 -15.02
C VAL A 779 -16.12 0.55 -14.46
N MET A 780 -16.24 0.58 -13.13
CA MET A 780 -17.51 0.54 -12.37
C MET A 780 -17.83 1.95 -11.88
N ARG A 781 -19.00 2.48 -12.25
CA ARG A 781 -19.44 3.86 -11.93
C ARG A 781 -20.72 3.83 -11.09
N LEU A 782 -20.80 4.75 -10.14
CA LEU A 782 -21.98 5.04 -9.32
C LEU A 782 -22.50 6.42 -9.75
N GLU A 783 -23.80 6.51 -10.06
CA GLU A 783 -24.48 7.78 -10.47
C GLU A 783 -25.51 8.09 -9.39
N THR A 784 -25.40 9.25 -8.74
CA THR A 784 -26.32 9.77 -7.70
C THR A 784 -26.68 11.23 -8.01
N HIS A 785 -27.59 11.81 -7.21
CA HIS A 785 -27.94 13.27 -7.22
C HIS A 785 -27.24 13.96 -6.04
N ILE A 786 -26.22 13.37 -5.45
CA ILE A 786 -25.42 14.03 -4.38
C ILE A 786 -24.76 15.22 -5.06
N ASP A 787 -24.99 16.42 -4.52
CA ASP A 787 -24.57 17.68 -5.18
C ASP A 787 -23.13 17.95 -4.73
N SER A 788 -22.19 17.15 -5.25
CA SER A 788 -20.75 17.13 -4.85
C SER A 788 -19.99 18.18 -5.64
N GLY A 789 -20.47 18.50 -6.85
CA GLY A 789 -19.85 19.53 -7.72
C GLY A 789 -18.56 19.01 -8.30
N ASP A 790 -17.44 19.53 -7.84
CA ASP A 790 -16.11 19.09 -8.34
C ASP A 790 -15.26 18.51 -7.19
N ILE A 791 -15.84 18.32 -6.00
CA ILE A 791 -15.15 17.83 -4.77
C ILE A 791 -15.38 16.31 -4.67
N PHE A 792 -14.36 15.60 -4.21
CA PHE A 792 -14.43 14.16 -3.85
C PHE A 792 -13.22 13.87 -2.96
N TYR A 793 -13.26 12.71 -2.31
CA TYR A 793 -12.25 12.28 -1.32
C TYR A 793 -11.78 10.88 -1.71
N THR A 794 -10.48 10.67 -1.60
CA THR A 794 -9.84 9.36 -1.82
C THR A 794 -8.87 9.19 -0.65
N ASP A 795 -8.51 7.97 -0.31
CA ASP A 795 -7.56 7.79 0.81
C ASP A 795 -6.12 7.72 0.28
N LEU A 796 -5.19 7.85 1.22
CA LEU A 796 -3.74 7.63 1.02
C LEU A 796 -3.35 6.48 1.94
N ASN A 797 -2.98 5.36 1.31
CA ASN A 797 -2.34 4.22 1.99
C ASN A 797 -3.23 3.63 3.10
N GLY A 798 -4.56 3.77 2.99
CA GLY A 798 -5.49 3.34 4.06
C GLY A 798 -5.30 4.06 5.39
N LEU A 799 -4.63 5.23 5.40
CA LEU A 799 -4.29 5.94 6.65
C LEU A 799 -5.18 7.19 6.83
N GLN A 800 -5.50 7.87 5.73
CA GLN A 800 -6.11 9.23 5.76
C GLN A 800 -6.89 9.45 4.47
N PHE A 801 -7.90 10.33 4.54
CA PHE A 801 -8.71 10.77 3.38
C PHE A 801 -8.32 12.21 3.07
N ILE A 802 -7.99 12.42 1.81
CA ILE A 802 -7.54 13.73 1.29
C ILE A 802 -8.60 14.25 0.31
N LYS A 803 -8.94 15.55 0.41
CA LYS A 803 -9.87 16.21 -0.51
C LYS A 803 -9.22 16.31 -1.88
N ARG A 804 -9.98 15.94 -2.91
CA ARG A 804 -9.61 16.12 -4.33
C ARG A 804 -10.57 17.16 -4.95
N ARG A 805 -10.08 17.99 -5.87
CA ARG A 805 -10.94 18.82 -6.75
C ARG A 805 -10.73 18.34 -8.19
N ARG A 806 -11.80 17.91 -8.86
N ARG A 806 -11.80 17.91 -8.87
CA ARG A 806 -11.80 17.66 -10.32
CA ARG A 806 -11.78 17.64 -10.32
C ARG A 806 -11.40 18.97 -11.02
C ARG A 806 -11.40 18.96 -11.02
N LEU A 807 -10.49 18.92 -12.00
CA LEU A 807 -10.02 20.13 -12.74
C LEU A 807 -10.24 19.88 -14.22
N ASP A 808 -11.18 20.62 -14.84
CA ASP A 808 -11.51 20.50 -16.29
C ASP A 808 -10.32 21.03 -17.10
N LYS A 809 -9.46 21.85 -16.50
CA LYS A 809 -8.22 22.34 -17.16
C LYS A 809 -7.21 21.19 -17.35
N LEU A 810 -7.33 20.07 -16.62
CA LEU A 810 -6.45 18.89 -16.80
C LEU A 810 -7.17 17.78 -17.56
N PRO A 811 -6.44 16.89 -18.26
CA PRO A 811 -7.08 15.77 -18.95
C PRO A 811 -7.71 14.78 -17.96
N LEU A 812 -8.56 13.88 -18.47
CA LEU A 812 -9.35 12.92 -17.66
C LEU A 812 -8.42 12.11 -16.74
N GLN A 813 -7.32 11.60 -17.29
CA GLN A 813 -6.33 10.71 -16.63
C GLN A 813 -5.66 11.42 -15.45
N ALA A 814 -5.65 12.76 -15.44
CA ALA A 814 -5.05 13.58 -14.34
C ALA A 814 -6.04 13.69 -13.19
N ASN A 815 -7.32 13.41 -13.45
CA ASN A 815 -8.38 13.48 -12.42
C ASN A 815 -8.55 12.09 -11.77
N TYR A 816 -7.83 11.09 -12.27
CA TYR A 816 -7.69 9.75 -11.64
C TYR A 816 -6.63 9.77 -10.51
N TYR A 817 -7.00 9.21 -9.37
CA TYR A 817 -6.21 9.14 -8.13
C TYR A 817 -6.20 7.72 -7.61
N PRO A 818 -5.21 7.38 -6.76
CA PRO A 818 -5.18 6.06 -6.15
C PRO A 818 -6.43 5.93 -5.27
N ILE A 819 -7.09 4.76 -5.30
CA ILE A 819 -8.12 4.37 -4.29
C ILE A 819 -7.60 3.16 -3.54
N PRO A 820 -6.62 3.34 -2.65
CA PRO A 820 -6.04 2.23 -1.92
C PRO A 820 -7.01 1.53 -0.94
N SER A 821 -8.01 2.25 -0.38
CA SER A 821 -9.03 1.60 0.51
C SER A 821 -10.41 2.26 0.46
N GLY A 822 -10.54 3.50 -0.04
CA GLY A 822 -11.89 4.11 -0.06
C GLY A 822 -11.97 5.41 -0.83
N MET A 823 -13.18 5.80 -1.15
CA MET A 823 -13.44 7.10 -1.80
C MET A 823 -14.87 7.52 -1.40
N PHE A 824 -15.14 8.82 -1.35
CA PHE A 824 -16.53 9.29 -1.10
C PHE A 824 -16.78 10.63 -1.78
N ILE A 825 -18.07 10.88 -1.99
CA ILE A 825 -18.64 12.22 -2.36
C ILE A 825 -19.71 12.58 -1.32
N GLU A 826 -19.84 13.87 -1.00
CA GLU A 826 -20.88 14.36 -0.10
C GLU A 826 -21.41 15.73 -0.59
N ASP A 827 -22.68 16.02 -0.28
CA ASP A 827 -23.23 17.40 -0.30
C ASP A 827 -23.59 17.72 1.14
N ALA A 828 -24.40 18.76 1.39
CA ALA A 828 -24.71 19.19 2.76
C ALA A 828 -25.46 18.09 3.53
N ASN A 829 -26.13 17.17 2.86
CA ASN A 829 -27.08 16.25 3.57
C ASN A 829 -26.65 14.78 3.49
N THR A 830 -26.09 14.36 2.35
CA THR A 830 -25.91 12.94 1.94
C THR A 830 -24.44 12.68 1.55
N ARG A 831 -23.88 11.58 2.05
CA ARG A 831 -22.57 11.02 1.63
C ARG A 831 -22.75 9.61 1.04
N LEU A 832 -22.06 9.30 -0.05
CA LEU A 832 -21.86 7.91 -0.52
C LEU A 832 -20.35 7.58 -0.40
N THR A 833 -20.00 6.52 0.32
CA THR A 833 -18.61 6.00 0.48
C THR A 833 -18.56 4.61 -0.16
N LEU A 834 -17.57 4.39 -1.04
CA LEU A 834 -17.18 3.08 -1.57
C LEU A 834 -15.84 2.65 -0.92
N LEU A 835 -15.89 1.59 -0.09
CA LEU A 835 -14.70 0.99 0.58
C LEU A 835 -14.24 -0.17 -0.30
N THR A 836 -12.93 -0.36 -0.43
CA THR A 836 -12.34 -1.40 -1.32
C THR A 836 -11.51 -2.40 -0.52
N GLY A 837 -11.50 -3.64 -1.00
CA GLY A 837 -10.63 -4.70 -0.46
C GLY A 837 -9.36 -4.78 -1.27
N GLN A 838 -9.13 -3.82 -2.17
CA GLN A 838 -7.99 -3.81 -3.11
C GLN A 838 -7.75 -2.39 -3.62
N PRO A 839 -6.47 -2.00 -3.83
CA PRO A 839 -6.16 -0.71 -4.45
C PRO A 839 -6.51 -0.73 -5.94
N LEU A 840 -7.28 0.27 -6.39
CA LEU A 840 -7.67 0.45 -7.81
C LEU A 840 -7.61 1.95 -8.10
N GLY A 841 -7.58 2.34 -9.35
CA GLY A 841 -7.66 3.77 -9.71
C GLY A 841 -9.09 4.24 -9.74
N GLY A 842 -9.34 5.50 -9.39
CA GLY A 842 -10.70 6.03 -9.35
C GLY A 842 -10.77 7.54 -9.48
N SER A 843 -12.00 8.04 -9.62
CA SER A 843 -12.31 9.49 -9.71
C SER A 843 -13.79 9.75 -9.42
N SER A 844 -14.13 11.04 -9.37
CA SER A 844 -15.50 11.57 -9.54
C SER A 844 -15.45 12.54 -10.74
N LEU A 845 -15.75 12.05 -11.94
CA LEU A 845 -15.62 12.81 -13.22
C LEU A 845 -16.81 13.76 -13.45
N ALA A 846 -17.82 13.76 -12.58
CA ALA A 846 -19.00 14.68 -12.64
C ALA A 846 -19.67 14.70 -11.27
N SER A 847 -20.37 15.77 -10.91
CA SER A 847 -21.17 15.87 -9.66
C SER A 847 -22.00 14.59 -9.48
N GLY A 848 -22.03 14.05 -8.26
CA GLY A 848 -22.84 12.89 -7.88
C GLY A 848 -22.21 11.55 -8.27
N GLU A 849 -21.06 11.55 -8.96
CA GLU A 849 -20.46 10.28 -9.48
C GLU A 849 -19.29 9.81 -8.60
N LEU A 850 -19.12 8.49 -8.49
CA LEU A 850 -17.84 7.81 -8.14
C LEU A 850 -17.57 6.81 -9.24
N GLU A 851 -16.31 6.57 -9.58
CA GLU A 851 -15.96 5.44 -10.47
C GLU A 851 -14.61 4.86 -10.06
N ILE A 852 -14.41 3.60 -10.40
CA ILE A 852 -13.20 2.83 -9.99
C ILE A 852 -12.99 1.76 -11.06
N MET A 853 -11.77 1.75 -11.63
CA MET A 853 -11.34 0.81 -12.67
C MET A 853 -11.20 -0.59 -12.04
N GLN A 854 -11.62 -1.61 -12.77
CA GLN A 854 -11.68 -3.01 -12.31
C GLN A 854 -10.48 -3.77 -12.89
N ASP A 855 -10.17 -3.56 -14.17
CA ASP A 855 -9.01 -4.23 -14.82
C ASP A 855 -8.76 -3.50 -16.12
N ARG A 856 -7.62 -3.74 -16.74
CA ARG A 856 -7.22 -3.04 -17.98
C ARG A 856 -6.28 -3.96 -18.74
N ARG A 857 -6.47 -4.03 -20.05
CA ARG A 857 -5.73 -4.95 -20.96
C ARG A 857 -5.20 -4.10 -22.11
N LEU A 858 -3.87 -4.05 -22.25
CA LEU A 858 -3.20 -3.06 -23.13
C LEU A 858 -2.18 -3.80 -24.00
N ALA A 859 -2.35 -3.66 -25.32
CA ALA A 859 -1.60 -4.40 -26.36
C ALA A 859 -0.23 -3.74 -26.48
N SER A 860 -0.13 -2.45 -26.14
CA SER A 860 1.11 -1.67 -26.40
C SER A 860 1.85 -1.32 -25.11
N ASP A 861 3.17 -1.16 -25.29
CA ASP A 861 4.12 -0.60 -24.32
C ASP A 861 3.92 0.92 -24.23
N ASP A 862 4.16 1.52 -23.07
CA ASP A 862 4.00 2.98 -22.92
C ASP A 862 5.37 3.65 -22.76
N GLU A 863 6.45 2.97 -23.18
CA GLU A 863 7.79 3.57 -23.42
C GLU A 863 8.42 4.11 -22.13
N ARG A 864 8.24 3.40 -21.02
CA ARG A 864 8.93 3.78 -19.75
C ARG A 864 9.93 2.68 -19.40
N GLY A 865 10.14 1.74 -20.33
CA GLY A 865 11.23 0.76 -20.23
C GLY A 865 10.72 -0.63 -19.93
N LEU A 866 9.42 -0.83 -19.75
CA LEU A 866 8.91 -2.16 -19.37
C LEU A 866 8.98 -3.10 -20.60
N GLY A 867 8.84 -2.52 -21.80
CA GLY A 867 8.98 -3.25 -23.09
C GLY A 867 7.91 -4.33 -23.26
N GLN A 868 6.70 -4.10 -22.75
CA GLN A 868 5.50 -4.95 -22.97
C GLN A 868 4.30 -4.13 -22.50
N GLY A 869 3.12 -4.48 -23.01
CA GLY A 869 1.84 -3.95 -22.50
C GLY A 869 1.35 -4.85 -21.38
N VAL A 870 0.04 -4.89 -21.17
CA VAL A 870 -0.57 -5.74 -20.11
C VAL A 870 -1.54 -6.73 -20.78
N LEU A 871 -1.10 -7.98 -20.99
CA LEU A 871 -1.91 -9.03 -21.65
C LEU A 871 -1.90 -10.32 -20.81
N ASP A 872 -1.64 -10.24 -19.51
CA ASP A 872 -1.48 -11.41 -18.61
C ASP A 872 -2.62 -11.37 -17.57
N ASN A 873 -3.71 -10.70 -17.91
CA ASN A 873 -4.93 -10.61 -17.06
C ASN A 873 -5.36 -12.01 -16.65
N LYS A 874 -5.89 -12.12 -15.45
CA LYS A 874 -6.56 -13.34 -14.93
C LYS A 874 -7.78 -12.91 -14.13
N PRO A 875 -8.77 -13.81 -13.98
CA PRO A 875 -9.93 -13.56 -13.11
C PRO A 875 -9.52 -13.11 -11.71
N VAL A 876 -10.14 -12.02 -11.25
CA VAL A 876 -9.91 -11.54 -9.86
C VAL A 876 -11.27 -11.24 -9.23
N LEU A 877 -11.44 -11.56 -7.95
CA LEU A 877 -12.66 -11.21 -7.21
C LEU A 877 -12.42 -9.92 -6.42
N HIS A 878 -12.96 -8.82 -6.93
CA HIS A 878 -12.91 -7.49 -6.28
C HIS A 878 -14.04 -7.38 -5.26
N ILE A 879 -13.75 -6.86 -4.07
CA ILE A 879 -14.76 -6.72 -2.99
C ILE A 879 -14.85 -5.26 -2.55
N TYR A 880 -16.07 -4.86 -2.19
CA TYR A 880 -16.41 -3.48 -1.79
C TYR A 880 -17.51 -3.52 -0.74
N ARG A 881 -17.62 -2.41 0.00
CA ARG A 881 -18.81 -2.04 0.82
C ARG A 881 -19.28 -0.69 0.27
N LEU A 882 -20.60 -0.52 0.12
CA LEU A 882 -21.24 0.76 -0.34
C LEU A 882 -22.02 1.34 0.85
N VAL A 883 -21.65 2.53 1.32
CA VAL A 883 -22.25 3.13 2.54
C VAL A 883 -22.89 4.45 2.10
N LEU A 884 -24.23 4.48 2.01
CA LEU A 884 -25.02 5.72 1.84
C LEU A 884 -25.37 6.24 3.23
N GLU A 885 -25.08 7.51 3.56
CA GLU A 885 -25.34 8.03 4.91
C GLU A 885 -25.89 9.46 4.89
N LYS A 886 -26.61 9.85 5.93
CA LYS A 886 -27.01 11.27 6.19
C LYS A 886 -25.95 11.91 7.06
N VAL A 887 -25.44 13.07 6.65
CA VAL A 887 -24.29 13.73 7.35
C VAL A 887 -24.68 15.14 7.82
N ASN A 888 -25.93 15.58 7.58
CA ASN A 888 -26.46 16.90 8.02
C ASN A 888 -26.28 17.03 9.54
N ASN A 889 -26.34 15.94 10.31
CA ASN A 889 -26.13 15.97 11.78
C ASN A 889 -24.69 15.61 12.15
N CYS A 890 -23.76 15.57 11.20
CA CYS A 890 -22.33 15.31 11.51
C CYS A 890 -21.59 16.64 11.58
N VAL A 891 -20.60 16.73 12.46
CA VAL A 891 -19.58 17.81 12.53
C VAL A 891 -18.48 17.55 11.50
N ARG A 892 -18.56 18.24 10.37
CA ARG A 892 -17.64 18.08 9.22
C ARG A 892 -16.56 19.16 9.31
N PRO A 893 -15.33 18.90 8.80
CA PRO A 893 -14.31 19.94 8.83
C PRO A 893 -14.80 21.21 8.13
N SER A 894 -14.13 22.34 8.40
CA SER A 894 -14.29 23.59 7.61
C SER A 894 -14.22 23.27 6.11
N GLU A 895 -14.85 24.07 5.24
CA GLU A 895 -14.76 23.89 3.77
C GLU A 895 -13.33 24.21 3.30
N LEU A 896 -12.49 24.81 4.17
CA LEU A 896 -11.06 25.13 3.82
C LEU A 896 -10.17 23.93 4.20
N HIS A 897 -10.67 22.96 4.93
CA HIS A 897 -9.85 21.83 5.45
C HIS A 897 -9.53 20.90 4.28
N PRO A 898 -8.25 20.54 4.09
CA PRO A 898 -7.89 19.64 2.98
C PRO A 898 -8.09 18.13 3.23
N ALA A 899 -8.58 17.72 4.40
CA ALA A 899 -8.88 16.32 4.79
C ALA A 899 -10.39 16.11 4.87
N GLY A 900 -10.79 14.85 4.73
CA GLY A 900 -12.10 14.29 5.11
C GLY A 900 -11.94 13.11 6.07
N TYR A 901 -13.00 12.72 6.77
CA TYR A 901 -12.95 11.64 7.77
C TYR A 901 -14.14 10.72 7.54
N LEU A 902 -13.92 9.43 7.77
CA LEU A 902 -15.02 8.44 7.70
C LEU A 902 -15.91 8.62 8.94
N THR A 903 -17.16 8.23 8.78
CA THR A 903 -18.09 7.85 9.86
C THR A 903 -17.72 6.49 10.43
N SER A 904 -18.27 6.18 11.60
CA SER A 904 -18.16 4.88 12.29
C SER A 904 -18.54 3.75 11.34
N ALA A 905 -19.64 3.91 10.59
CA ALA A 905 -20.20 2.87 9.70
C ALA A 905 -19.24 2.61 8.54
N ALA A 906 -18.68 3.66 7.92
CA ALA A 906 -17.77 3.50 6.77
C ALA A 906 -16.44 2.89 7.26
N HIS A 907 -15.99 3.24 8.46
CA HIS A 907 -14.71 2.72 9.04
C HIS A 907 -14.86 1.23 9.33
N LYS A 908 -15.96 0.83 9.96
CA LYS A 908 -16.20 -0.59 10.30
C LYS A 908 -16.38 -1.39 9.03
N ALA A 909 -16.98 -0.79 8.00
CA ALA A 909 -17.12 -1.44 6.68
C ALA A 909 -15.71 -1.67 6.07
N SER A 910 -14.81 -0.71 6.13
CA SER A 910 -13.41 -0.91 5.69
C SER A 910 -12.77 -2.08 6.46
N GLN A 911 -12.87 -2.08 7.78
CA GLN A 911 -12.31 -3.12 8.67
C GLN A 911 -12.89 -4.50 8.28
N SER A 912 -14.17 -4.57 7.89
CA SER A 912 -14.76 -5.85 7.48
C SER A 912 -14.11 -6.34 6.19
N LEU A 913 -13.70 -5.42 5.28
CA LEU A 913 -13.03 -5.82 4.00
C LEU A 913 -11.59 -6.22 4.27
N LEU A 914 -10.82 -5.42 4.99
CA LEU A 914 -9.36 -5.59 5.14
C LEU A 914 -9.01 -6.61 6.25
N ASP A 915 -9.78 -6.68 7.33
CA ASP A 915 -9.49 -7.56 8.48
C ASP A 915 -10.75 -8.30 8.91
N PRO A 916 -11.28 -9.20 8.06
CA PRO A 916 -12.43 -10.00 8.44
C PRO A 916 -12.07 -11.00 9.55
N LEU A 917 -13.10 -11.63 10.10
CA LEU A 917 -12.90 -12.85 10.91
C LEU A 917 -12.16 -13.90 10.07
N ASP A 918 -11.18 -14.54 10.68
CA ASP A 918 -10.54 -15.78 10.14
C ASP A 918 -11.34 -17.01 10.57
N LYS A 919 -11.48 -17.97 9.66
CA LYS A 919 -12.26 -19.20 9.85
C LYS A 919 -11.35 -20.42 9.76
N PHE A 920 -11.43 -21.29 10.77
CA PHE A 920 -10.66 -22.55 10.94
C PHE A 920 -11.60 -23.74 11.12
N ILE A 921 -11.40 -24.77 10.30
CA ILE A 921 -12.14 -26.05 10.34
C ILE A 921 -11.20 -27.09 10.99
N PHE A 922 -11.54 -27.61 12.17
CA PHE A 922 -10.75 -28.70 12.81
C PHE A 922 -10.66 -29.87 11.82
N ALA A 923 -9.43 -30.33 11.53
CA ALA A 923 -9.12 -31.31 10.46
C ALA A 923 -9.56 -32.74 10.85
N GLU A 924 -9.36 -33.14 12.11
CA GLU A 924 -9.51 -34.53 12.61
C GLU A 924 -10.95 -34.75 13.08
N ASN A 925 -11.29 -36.00 13.39
CA ASN A 925 -12.68 -36.40 13.74
C ASN A 925 -12.97 -35.92 15.15
N GLU A 926 -11.98 -35.90 16.04
CA GLU A 926 -12.22 -35.61 17.48
C GLU A 926 -11.20 -34.59 18.00
N TRP A 927 -11.67 -33.60 18.78
CA TRP A 927 -10.84 -32.55 19.42
C TRP A 927 -10.94 -32.68 20.95
N ILE A 928 -10.12 -33.57 21.50
CA ILE A 928 -10.05 -33.79 22.97
C ILE A 928 -9.48 -32.51 23.61
N GLY A 929 -10.16 -31.99 24.63
CA GLY A 929 -9.76 -30.81 25.41
C GLY A 929 -10.09 -29.51 24.69
N ALA A 930 -10.98 -29.53 23.68
CA ALA A 930 -11.45 -28.31 23.00
C ALA A 930 -11.97 -27.30 24.04
N GLN A 931 -11.61 -26.02 23.91
CA GLN A 931 -12.23 -24.92 24.71
C GLN A 931 -13.10 -24.03 23.80
N GLY A 932 -14.05 -23.33 24.41
CA GLY A 932 -15.08 -22.57 23.68
C GLY A 932 -14.57 -21.20 23.24
N GLN A 933 -13.59 -20.64 23.95
CA GLN A 933 -13.26 -19.20 23.81
C GLN A 933 -11.83 -18.92 24.27
N PHE A 934 -11.16 -17.97 23.60
CA PHE A 934 -9.95 -17.30 24.10
C PHE A 934 -10.16 -15.79 24.00
N GLY A 935 -9.75 -15.06 25.02
CA GLY A 935 -9.72 -13.59 25.01
C GLY A 935 -11.00 -12.95 25.50
N GLY A 936 -11.89 -13.71 26.14
CA GLY A 936 -13.16 -13.21 26.72
C GLY A 936 -12.92 -12.05 27.67
N ASP A 937 -11.77 -12.07 28.34
CA ASP A 937 -11.31 -11.02 29.28
C ASP A 937 -10.42 -9.97 28.57
N HIS A 938 -10.26 -9.96 27.25
CA HIS A 938 -9.50 -8.89 26.55
C HIS A 938 -10.30 -7.59 26.57
N PRO A 939 -9.69 -6.40 26.79
CA PRO A 939 -10.42 -5.13 26.75
C PRO A 939 -11.01 -4.89 25.34
N SER A 940 -12.24 -4.39 25.27
CA SER A 940 -12.91 -4.01 24.00
C SER A 940 -12.77 -2.49 23.81
N ALA A 941 -11.73 -2.07 23.07
CA ALA A 941 -11.31 -0.65 22.90
C ALA A 941 -12.31 0.12 22.06
N ARG A 942 -12.27 1.45 22.15
CA ARG A 942 -13.15 2.32 21.32
C ARG A 942 -12.88 2.03 19.84
N GLU A 943 -13.93 2.17 19.07
CA GLU A 943 -14.04 1.73 17.65
C GLU A 943 -12.98 2.41 16.77
N ASP A 944 -12.41 3.54 17.18
CA ASP A 944 -11.43 4.29 16.35
C ASP A 944 -10.00 3.84 16.67
N LEU A 945 -9.80 2.94 17.62
CA LEU A 945 -8.46 2.43 18.02
C LEU A 945 -8.27 1.04 17.42
N ASP A 946 -7.08 0.77 16.84
CA ASP A 946 -6.73 -0.56 16.34
C ASP A 946 -5.39 -0.99 16.95
N VAL A 947 -5.22 -2.31 17.11
CA VAL A 947 -3.88 -2.90 17.36
C VAL A 947 -3.39 -3.37 15.99
N SER A 948 -2.76 -2.46 15.25
CA SER A 948 -2.35 -2.68 13.84
C SER A 948 -1.37 -3.86 13.81
N VAL A 949 -0.49 -3.92 14.81
CA VAL A 949 0.58 -4.93 14.91
C VAL A 949 0.68 -5.41 16.36
N MET A 950 0.67 -6.72 16.52
CA MET A 950 1.18 -7.41 17.70
C MET A 950 2.23 -8.42 17.20
N ARG A 951 3.43 -8.32 17.75
CA ARG A 951 4.62 -9.09 17.30
C ARG A 951 5.54 -9.37 18.49
N ARG A 952 5.73 -10.65 18.82
CA ARG A 952 6.76 -11.06 19.81
C ARG A 952 8.12 -10.84 19.12
N LEU A 953 9.00 -10.14 19.82
CA LEU A 953 10.29 -9.64 19.31
C LEU A 953 11.43 -10.56 19.72
N THR A 954 11.20 -11.48 20.66
CA THR A 954 12.24 -12.36 21.27
C THR A 954 11.93 -13.83 20.93
N LYS A 955 12.96 -14.64 20.75
CA LYS A 955 12.81 -16.12 20.65
C LYS A 955 12.74 -16.70 22.08
N SER A 956 12.50 -18.00 22.22
CA SER A 956 12.14 -18.63 23.51
C SER A 956 13.34 -18.65 24.48
N SER A 957 14.56 -18.48 24.02
CA SER A 957 15.76 -18.57 24.90
C SER A 957 15.97 -17.24 25.65
N ALA A 958 15.35 -16.15 25.21
CA ALA A 958 15.53 -14.84 25.89
C ALA A 958 14.89 -14.94 27.28
N LYS A 959 15.67 -14.64 28.31
CA LYS A 959 15.15 -14.74 29.70
C LYS A 959 14.15 -13.61 29.90
N THR A 960 14.39 -12.43 29.30
CA THR A 960 13.37 -11.36 29.19
C THR A 960 12.68 -11.45 27.82
N GLN A 961 11.41 -11.84 27.83
CA GLN A 961 10.56 -11.84 26.62
C GLN A 961 10.07 -10.41 26.33
N ARG A 962 9.95 -10.07 25.04
CA ARG A 962 9.53 -8.72 24.59
C ARG A 962 8.45 -8.85 23.51
N VAL A 963 7.39 -8.06 23.63
CA VAL A 963 6.28 -8.06 22.64
C VAL A 963 6.06 -6.61 22.21
N GLY A 964 6.02 -6.40 20.89
CA GLY A 964 5.80 -5.09 20.26
C GLY A 964 4.38 -4.95 19.77
N TYR A 965 3.82 -3.79 19.99
CA TYR A 965 2.44 -3.43 19.59
C TYR A 965 2.54 -2.12 18.80
N VAL A 966 1.87 -2.04 17.66
CA VAL A 966 1.57 -0.73 17.02
C VAL A 966 0.09 -0.42 17.23
N LEU A 967 -0.18 0.76 17.80
CA LEU A 967 -1.54 1.28 18.08
C LEU A 967 -1.83 2.44 17.14
N HIS A 968 -2.86 2.31 16.34
CA HIS A 968 -3.34 3.38 15.46
C HIS A 968 -4.73 3.86 15.90
N ARG A 969 -4.86 5.16 16.16
CA ARG A 969 -6.20 5.76 16.36
C ARG A 969 -6.53 6.58 15.13
N THR A 970 -7.62 6.27 14.45
CA THR A 970 -8.13 7.06 13.33
C THR A 970 -8.93 8.24 13.93
N ASN A 971 -9.56 9.03 13.06
CA ASN A 971 -10.52 10.07 13.45
C ASN A 971 -11.82 9.80 12.70
N LEU A 972 -12.91 9.57 13.44
CA LEU A 972 -14.25 9.39 12.85
C LEU A 972 -15.03 10.69 13.00
N MET A 973 -15.83 11.03 11.99
CA MET A 973 -16.80 12.15 12.07
C MET A 973 -17.78 11.90 13.21
N GLN A 974 -18.07 12.91 14.00
CA GLN A 974 -19.01 12.73 15.12
C GLN A 974 -20.38 13.21 14.66
N CYS A 975 -21.38 12.34 14.87
CA CYS A 975 -22.72 12.41 14.26
C CYS A 975 -23.83 12.22 15.31
N GLY A 976 -23.49 12.11 16.60
CA GLY A 976 -24.41 11.77 17.71
C GLY A 976 -24.57 10.27 17.93
N THR A 977 -24.46 9.78 19.18
CA THR A 977 -24.91 8.42 19.61
C THR A 977 -24.97 8.35 21.15
N THR A 982 -17.18 0.58 26.16
CA THR A 982 -15.74 0.34 25.81
C THR A 982 -14.87 0.36 27.08
N GLN A 983 -13.80 -0.44 27.10
CA GLN A 983 -12.76 -0.44 28.18
C GLN A 983 -11.48 0.19 27.62
N LYS A 984 -10.65 0.78 28.50
CA LYS A 984 -9.31 1.31 28.12
C LYS A 984 -8.40 0.14 27.74
N LEU A 985 -7.73 0.24 26.60
CA LEU A 985 -6.75 -0.79 26.18
C LEU A 985 -5.35 -0.38 26.64
N ASP A 986 -4.75 -1.16 27.55
CA ASP A 986 -3.32 -1.03 27.95
C ASP A 986 -2.58 -2.25 27.40
N VAL A 987 -1.94 -2.11 26.24
CA VAL A 987 -1.31 -3.28 25.55
C VAL A 987 -0.21 -3.85 26.45
N CYS A 988 0.41 -3.07 27.33
CA CYS A 988 1.56 -3.57 28.13
C CYS A 988 1.09 -4.59 29.19
N HIS A 989 -0.20 -4.66 29.47
CA HIS A 989 -0.78 -5.62 30.46
C HIS A 989 -1.56 -6.73 29.74
N LEU A 990 -1.58 -6.78 28.39
CA LEU A 990 -2.30 -7.85 27.63
C LEU A 990 -1.66 -9.21 27.93
N LEU A 991 -0.38 -9.23 28.26
CA LEU A 991 0.34 -10.46 28.66
C LEU A 991 0.76 -10.28 30.11
N PRO A 992 0.89 -11.39 30.88
CA PRO A 992 1.21 -11.33 32.30
C PRO A 992 2.72 -11.14 32.60
N ASN A 993 3.04 -10.88 33.87
CA ASN A 993 4.44 -10.82 34.38
C ASN A 993 5.21 -9.70 33.68
N VAL A 994 4.55 -8.58 33.44
CA VAL A 994 5.13 -7.40 32.73
C VAL A 994 6.10 -6.69 33.68
N ALA A 995 7.36 -6.51 33.26
CA ALA A 995 8.47 -5.91 34.04
C ALA A 995 8.74 -4.46 33.58
N ARG A 996 8.65 -4.19 32.27
CA ARG A 996 8.85 -2.82 31.70
C ARG A 996 7.87 -2.61 30.56
N CYS A 997 7.43 -1.37 30.38
CA CYS A 997 6.63 -0.85 29.25
C CYS A 997 7.35 0.39 28.69
N GLU A 998 7.73 0.36 27.41
CA GLU A 998 8.48 1.44 26.70
C GLU A 998 7.66 1.87 25.49
N ARG A 999 7.52 3.17 25.29
CA ARG A 999 7.08 3.72 23.98
C ARG A 999 8.32 3.69 23.09
N THR A 1000 8.18 3.21 21.85
CA THR A 1000 9.33 3.04 20.93
C THR A 1000 8.99 3.71 19.60
N THR A 1001 9.99 3.88 18.74
CA THR A 1001 9.75 4.16 17.30
C THR A 1001 8.85 3.05 16.71
N LEU A 1002 8.20 3.32 15.58
CA LEU A 1002 7.20 2.39 15.00
C LEU A 1002 7.88 1.09 14.57
N THR A 1003 9.21 1.09 14.42
CA THR A 1003 10.03 -0.07 14.01
C THR A 1003 10.44 -0.93 15.24
N PHE A 1004 10.15 -0.44 16.45
CA PHE A 1004 10.50 -1.03 17.77
C PHE A 1004 11.99 -0.86 18.08
N LEU A 1005 12.76 -0.06 17.32
CA LEU A 1005 14.23 -0.18 17.40
C LEU A 1005 14.83 0.84 18.38
N GLN A 1006 14.12 1.90 18.75
CA GLN A 1006 14.64 2.90 19.72
C GLN A 1006 13.58 3.09 20.81
N ASN A 1007 14.00 3.04 22.07
CA ASN A 1007 13.13 3.39 23.23
C ASN A 1007 13.00 4.91 23.23
N LEU A 1008 11.78 5.40 23.34
CA LEU A 1008 11.51 6.85 23.38
C LEU A 1008 11.17 7.22 24.83
N GLU A 1009 10.49 6.36 25.60
CA GLU A 1009 9.95 6.71 26.96
C GLU A 1009 9.66 5.44 27.76
N HIS A 1010 10.32 5.28 28.90
CA HIS A 1010 10.01 4.27 29.94
C HIS A 1010 8.74 4.73 30.68
N LEU A 1011 7.65 3.95 30.65
CA LEU A 1011 6.28 4.43 30.99
C LEU A 1011 5.90 4.13 32.44
N ASP A 1012 5.17 5.08 33.04
CA ASP A 1012 4.61 5.12 34.44
C ASP A 1012 3.63 3.98 34.68
N GLY A 1013 3.90 3.17 35.72
CA GLY A 1013 3.08 2.03 36.17
C GLY A 1013 2.92 0.99 35.07
N MET A 1014 3.89 0.95 34.14
CA MET A 1014 3.89 0.09 32.92
C MET A 1014 2.50 0.08 32.24
N VAL A 1015 1.86 1.25 32.14
CA VAL A 1015 0.57 1.47 31.43
C VAL A 1015 0.90 2.24 30.15
N ALA A 1016 0.54 1.69 28.97
CA ALA A 1016 0.68 2.33 27.64
C ALA A 1016 -0.46 3.33 27.44
N PRO A 1017 -0.28 4.68 27.47
CA PRO A 1017 -1.39 5.61 27.31
C PRO A 1017 -2.14 5.35 25.99
N GLU A 1018 -3.38 5.81 25.88
CA GLU A 1018 -4.08 5.78 24.56
C GLU A 1018 -3.59 7.00 23.75
N VAL A 1019 -3.73 6.92 22.43
CA VAL A 1019 -3.06 7.85 21.49
C VAL A 1019 -4.11 8.82 20.96
N CYS A 1020 -3.68 9.97 20.45
CA CYS A 1020 -4.58 11.01 19.92
C CYS A 1020 -5.15 10.58 18.57
N PRO A 1021 -6.30 11.15 18.17
CA PRO A 1021 -6.86 10.90 16.85
C PRO A 1021 -5.82 11.19 15.76
N MET A 1022 -5.73 10.28 14.77
CA MET A 1022 -4.77 10.30 13.63
C MET A 1022 -3.32 10.16 14.10
N GLU A 1023 -3.10 9.59 15.30
CA GLU A 1023 -1.74 9.28 15.80
C GLU A 1023 -1.56 7.76 15.79
N THR A 1024 -0.30 7.35 15.61
CA THR A 1024 0.16 5.96 15.61
C THR A 1024 1.30 5.92 16.61
N ALA A 1025 1.27 5.02 17.57
CA ALA A 1025 2.38 4.86 18.54
C ALA A 1025 2.73 3.37 18.63
N ALA A 1026 3.96 3.08 19.05
CA ALA A 1026 4.45 1.71 19.26
C ALA A 1026 4.88 1.57 20.72
N TYR A 1027 4.66 0.38 21.25
CA TYR A 1027 5.01 0.02 22.65
C TYR A 1027 5.62 -1.38 22.66
N VAL A 1028 6.67 -1.57 23.46
CA VAL A 1028 7.27 -2.89 23.77
C VAL A 1028 7.10 -3.14 25.28
N SER A 1029 6.29 -4.15 25.61
CA SER A 1029 6.21 -4.78 26.94
C SER A 1029 7.31 -5.84 27.13
N SER A 1030 8.03 -5.78 28.26
CA SER A 1030 9.04 -6.79 28.67
C SER A 1030 8.49 -7.63 29.84
N HIS A 1031 8.74 -8.94 29.85
CA HIS A 1031 8.10 -9.96 30.75
C HIS A 1031 9.15 -10.92 31.37
N SER A 1032 8.90 -11.39 32.59
CA SER A 1032 9.82 -12.20 33.44
C SER A 1032 9.80 -13.67 32.99
#